data_8J22
#
_entry.id   8J22
#
_cell.length_a   1.00
_cell.length_b   1.00
_cell.length_c   1.00
_cell.angle_alpha   90.00
_cell.angle_beta   90.00
_cell.angle_gamma   90.00
#
_symmetry.space_group_name_H-M   'P 1'
#
loop_
_entity.id
_entity.type
_entity.pdbx_description
1 polymer 'Guanine nucleotide-binding protein G(I)/G(S)/G(T) subunit beta-1'
2 polymer 'Guanine nucleotide-binding protein G(i) subunit alpha-1'
3 polymer 'Free fatty acid receptor 2'
4 polymer 'Guanine nucleotide-binding protein G(I)/G(S)/G(O) subunit gamma-2'
5 polymer scFV16
6 non-polymer '(2R,4R)-2-(2-chlorophenyl)-3-[4-(3,5-dimethyl-1,2-oxazol-4-yl)phenyl]carbonyl-1,3-thiazolidine-4-carboxylic acid'
#
loop_
_entity_poly.entity_id
_entity_poly.type
_entity_poly.pdbx_seq_one_letter_code
_entity_poly.pdbx_strand_id
1 'polypeptide(L)'
;MHHHHHHGSLLQSELDQLRQEAEQLKNQIRDARKACADATLSQITNNIDPVGRIQMRTRRTLRGHLAKIYAMHWGTDSRL
LVSASQDGKLIIWDSYTTNKVHAIPLRSSWVMTCAYAPSGNYVACGGLDNICSIYNLKTREGNVRVSRELAGHTGYLSCC
RFLDDNQIVTSSGDTTCALWDIETGQQTTTFTGHTGDVMSLSLAPDTRLFVSGACDASAKLWDVREGMCRQTFTGHESDI
NAICFFPNGNAFATGSDDATCRLFDLRADQELMTYSHDNIICGITSVSFSKSGRLLLAGYDDFNCNVWDALKADRAGVLA
GHDNRVSCLGVTDDGMAVATGSWDSFLKIWNGSSGGGGSGGGGSSGVSGWRLFKKIS
;
A
2 'polypeptide(L)'
;MGCTLSAEDKAAVERSKMIDRNLREDGEKAAREVKLLLLGAGESGKSTIVKQMKIIHEAGYSEEECKQYKAVVYSNTIQS
IIAIIRAMGRLKIDFGDSARADDARQLFVLAGAAEEGFMTAELAGVIKRLWKDSGVQACFNRSREYQLNDSAAYYLNDLD
RIAQPNYIPTQQDVLRTRVKTTGIVETHFTFKDLHFKMFDVGGQRSERKKWIHCFEGVTAIIFCVALSDYDLVLAEDEEM
NRMHESMKLFDSICNNKWFTDTSIILFLNKKDLFEEKIKKSPLTICYPEYAGSNTYEEAAAYIQCQFEDLNKRKDTKEIY
THFTCATDTKNVQFVFDAVTDVIIKNNLKDCGLF
;
B
3 'polypeptide(L)'
;MTPDWKSSLILMAYIIIFLTGLPANLLALRAFVGVVRQPQPAPVHILLLSLTLADLLLLLLLPFKIIEAASNFRWYLPKI
VCALTGFGFYSSIYCSTWLLAGISIERYLGVAFPVQYKLSRRPLYGVIAALVAWVMSFGHCTIVIIVQYLNTTEQVRNGN
EITCYENFTDEQLDVVLPVRLELCLVLFFIPMAVTIFCYWRFVWIMLTQPHVGAQRRRRAVGLAVVTLLNFLVCFGPYNV
SHLVGFYQRKSPWWRSIAVVFSSLNASLDPLLFYFSSSVVRRAFGRGLQVLRNQGSSLLGRRGKDTAEGTN
;
C
4 'polypeptide(L)' MASNNTASIAQARKLVEQLKMEANIDRIKVSKAAADLMAYCEAHAKEDPLLTPVPASENPFREKKFFCAIL D
5 'polypeptide(L)'
;MLLVNQSHQGFNKEHTSKMVSAIVLYVLLAAAAHSAFADVQLVESGGGLVQPGGSRKLSCSASGFAFSSFGMHWVRQAPE
KGLEWVAYISSGSGTIYYADTVKGRFTISRDDPKNTLFLQMTSLRSEDTAMYYCVRSIYYYGSSPFDFWGQGTTLTVSSG
GGGSGGGGSGGGGSDIVMTQATSSVPVTPGESVSISCRSSKSLLHSNGNTYLYWFLQRPGQSPQLLIYRMSNLASGVPDR
FSGSGSGTAFTLTISRLEAEDVGVYYCMQHLEYPLTFGAGTKLELKAAAHHHHHHHH
;
F
#
loop_
_chem_comp.id
_chem_comp.type
_chem_comp.name
_chem_comp.formula
9UJ non-polymer '(2R,4R)-2-(2-chlorophenyl)-3-[4-(3,5-dimethyl-1,2-oxazol-4-yl)phenyl]carbonyl-1,3-thiazolidine-4-carboxylic acid' 'C22 H19 Cl N2 O4 S'
#
# COMPACT_ATOMS: atom_id res chain seq x y z
N GLU A 14 -6.12 -30.64 -47.53
CA GLU A 14 -6.71 -31.50 -46.51
C GLU A 14 -6.09 -31.19 -45.14
N LEU A 15 -6.94 -31.03 -44.12
CA LEU A 15 -6.47 -30.65 -42.80
C LEU A 15 -5.64 -31.74 -42.15
N ASP A 16 -6.02 -33.01 -42.36
CA ASP A 16 -5.28 -34.11 -41.75
C ASP A 16 -3.86 -34.20 -42.29
N GLN A 17 -3.69 -34.01 -43.61
CA GLN A 17 -2.35 -34.02 -44.19
C GLN A 17 -1.50 -32.87 -43.66
N LEU A 18 -2.10 -31.68 -43.53
CA LEU A 18 -1.37 -30.54 -43.00
C LEU A 18 -0.97 -30.77 -41.54
N ARG A 19 -1.87 -31.37 -40.76
CA ARG A 19 -1.55 -31.67 -39.36
C ARG A 19 -0.39 -32.65 -39.27
N GLN A 20 -0.37 -33.66 -40.14
CA GLN A 20 0.75 -34.60 -40.15
C GLN A 20 2.04 -33.92 -40.55
N GLU A 21 1.97 -32.99 -41.50
CA GLU A 21 3.16 -32.24 -41.92
C GLU A 21 3.71 -31.40 -40.78
N ALA A 22 2.85 -30.92 -39.88
CA ALA A 22 3.31 -30.14 -38.73
C ALA A 22 4.19 -30.97 -37.83
N GLU A 23 3.81 -32.24 -37.60
CA GLU A 23 4.64 -33.12 -36.77
C GLU A 23 5.99 -33.38 -37.42
N GLN A 24 6.02 -33.51 -38.74
CA GLN A 24 7.29 -33.71 -39.45
C GLN A 24 8.21 -32.51 -39.27
N LEU A 25 7.66 -31.30 -39.36
CA LEU A 25 8.47 -30.10 -39.16
C LEU A 25 8.98 -30.02 -37.72
N LYS A 26 8.14 -30.41 -36.76
CA LYS A 26 8.57 -30.41 -35.36
C LYS A 26 9.71 -31.40 -35.13
N ASN A 27 9.63 -32.57 -35.76
CA ASN A 27 10.70 -33.56 -35.62
C ASN A 27 12.01 -33.04 -36.21
N GLN A 28 11.94 -32.33 -37.34
CA GLN A 28 13.14 -31.78 -37.95
C GLN A 28 13.80 -30.75 -37.03
N ILE A 29 12.98 -29.91 -36.37
CA ILE A 29 13.52 -28.91 -35.46
C ILE A 29 14.20 -29.59 -34.27
N ARG A 30 13.57 -30.62 -33.72
CA ARG A 30 14.15 -31.35 -32.60
C ARG A 30 15.46 -32.02 -32.99
N ASP A 31 15.52 -32.58 -34.19
CA ASP A 31 16.75 -33.21 -34.67
C ASP A 31 17.86 -32.18 -34.81
N ALA A 32 17.53 -30.99 -35.33
CA ALA A 32 18.53 -29.94 -35.45
C ALA A 32 19.04 -29.48 -34.09
N ARG A 33 18.15 -29.37 -33.11
CA ARG A 33 18.55 -28.97 -31.77
C ARG A 33 19.50 -29.99 -31.15
N LYS A 34 19.21 -31.28 -31.33
CA LYS A 34 20.08 -32.32 -30.79
C LYS A 34 21.44 -32.32 -31.48
N ALA A 35 21.49 -32.02 -32.79
CA ALA A 35 22.76 -31.99 -33.50
C ALA A 35 23.67 -30.89 -32.95
N CYS A 36 23.10 -29.72 -32.64
CA CYS A 36 23.88 -28.60 -32.12
C CYS A 36 24.13 -28.68 -30.62
N ALA A 37 23.57 -29.69 -29.95
CA ALA A 37 23.76 -29.84 -28.50
C ALA A 37 24.98 -30.71 -28.27
N ASP A 38 26.15 -30.06 -28.16
CA ASP A 38 27.39 -30.79 -27.93
C ASP A 38 27.56 -31.13 -26.45
N ALA A 39 27.59 -30.11 -25.59
CA ALA A 39 27.73 -30.32 -24.16
C ALA A 39 26.65 -29.56 -23.40
N THR A 40 26.74 -29.55 -22.07
CA THR A 40 25.79 -28.85 -21.23
C THR A 40 26.51 -27.77 -20.44
N LEU A 41 25.77 -26.72 -20.08
CA LEU A 41 26.35 -25.61 -19.32
C LEU A 41 26.85 -26.08 -17.96
N SER A 42 26.22 -27.10 -17.38
CA SER A 42 26.68 -27.62 -16.11
C SER A 42 28.07 -28.25 -16.23
N GLN A 43 28.34 -28.91 -17.36
CA GLN A 43 29.65 -29.53 -17.56
C GLN A 43 30.74 -28.48 -17.73
N ILE A 44 30.42 -27.36 -18.38
CA ILE A 44 31.44 -26.34 -18.63
C ILE A 44 31.66 -25.47 -17.40
N THR A 45 30.68 -25.36 -16.52
CA THR A 45 30.75 -24.48 -15.36
C THR A 45 31.40 -25.15 -14.15
N ASN A 46 31.76 -26.43 -14.25
CA ASN A 46 32.30 -27.14 -13.09
C ASN A 46 33.67 -26.61 -12.68
N ASN A 47 34.45 -26.10 -13.63
CA ASN A 47 35.79 -25.63 -13.34
C ASN A 47 35.85 -24.21 -12.81
N ILE A 48 34.75 -23.48 -12.83
CA ILE A 48 34.73 -22.10 -12.35
C ILE A 48 34.48 -22.08 -10.85
N ASP A 49 34.90 -21.00 -10.22
CA ASP A 49 34.75 -20.88 -8.77
C ASP A 49 33.28 -20.65 -8.42
N PRO A 50 32.74 -21.35 -7.43
CA PRO A 50 31.34 -21.11 -7.03
C PRO A 50 31.16 -19.72 -6.44
N VAL A 51 29.96 -19.19 -6.61
CA VAL A 51 29.63 -17.88 -6.06
C VAL A 51 29.67 -17.92 -4.54
N GLY A 52 29.09 -18.96 -3.94
CA GLY A 52 29.09 -19.11 -2.50
C GLY A 52 27.77 -18.67 -1.86
N ARG A 53 27.85 -18.20 -0.62
CA ARG A 53 26.68 -17.75 0.12
C ARG A 53 26.58 -16.23 0.02
N ILE A 54 25.40 -15.75 -0.33
CA ILE A 54 25.13 -14.31 -0.49
C ILE A 54 24.10 -13.90 0.55
N GLN A 55 24.44 -12.91 1.37
CA GLN A 55 23.55 -12.40 2.40
C GLN A 55 23.01 -11.06 1.95
N MET A 56 21.68 -10.92 1.93
CA MET A 56 21.02 -9.70 1.54
C MET A 56 20.16 -9.20 2.71
N ARG A 57 20.29 -7.93 3.04
CA ARG A 57 19.56 -7.32 4.13
C ARG A 57 18.73 -6.16 3.61
N THR A 58 17.49 -6.06 4.08
CA THR A 58 16.62 -4.97 3.68
C THR A 58 17.15 -3.65 4.21
N ARG A 59 17.03 -2.60 3.39
CA ARG A 59 17.49 -1.27 3.75
C ARG A 59 16.35 -0.28 3.90
N ARG A 60 15.50 -0.14 2.89
CA ARG A 60 14.36 0.76 2.94
C ARG A 60 13.08 -0.04 2.69
N THR A 61 12.11 0.11 3.59
CA THR A 61 10.79 -0.46 3.44
C THR A 61 9.79 0.66 3.14
N LEU A 62 8.96 0.44 2.12
CA LEU A 62 8.02 1.45 1.66
C LEU A 62 6.61 1.00 1.96
N ARG A 63 5.86 1.86 2.64
CA ARG A 63 4.49 1.55 3.06
C ARG A 63 3.56 2.67 2.64
N GLY A 64 2.28 2.34 2.53
CA GLY A 64 1.27 3.30 2.11
C GLY A 64 0.21 2.65 1.23
N HIS A 65 0.54 1.50 0.65
CA HIS A 65 -0.45 0.76 -0.13
C HIS A 65 -1.46 0.10 0.78
N LEU A 66 -2.73 0.16 0.37
CA LEU A 66 -3.82 -0.44 1.14
C LEU A 66 -4.34 -1.72 0.53
N ALA A 67 -3.63 -2.29 -0.43
CA ALA A 67 -4.04 -3.53 -1.09
C ALA A 67 -2.81 -4.23 -1.61
N LYS A 68 -3.02 -5.42 -2.20
CA LYS A 68 -1.92 -6.22 -2.69
C LYS A 68 -1.21 -5.54 -3.86
N ILE A 69 0.11 -5.58 -3.84
CA ILE A 69 0.92 -5.00 -4.91
C ILE A 69 1.10 -6.03 -6.00
N TYR A 70 0.77 -5.64 -7.24
CA TYR A 70 0.81 -6.56 -8.37
C TYR A 70 1.93 -6.27 -9.37
N ALA A 71 2.46 -5.05 -9.40
CA ALA A 71 3.50 -4.71 -10.34
C ALA A 71 4.38 -3.61 -9.75
N MET A 72 5.61 -3.55 -10.25
CA MET A 72 6.57 -2.54 -9.81
C MET A 72 7.71 -2.50 -10.81
N HIS A 73 8.00 -1.30 -11.33
CA HIS A 73 9.03 -1.11 -12.35
C HIS A 73 10.00 -0.02 -11.91
N TRP A 74 11.28 -0.26 -12.14
CA TRP A 74 12.33 0.68 -11.80
C TRP A 74 12.52 1.71 -12.90
N GLY A 75 12.93 2.92 -12.50
CA GLY A 75 13.26 3.96 -13.45
C GLY A 75 14.67 3.84 -13.99
N THR A 76 14.98 4.72 -14.94
CA THR A 76 16.32 4.69 -15.54
C THR A 76 17.37 5.26 -14.60
N ASP A 77 16.98 6.17 -13.72
CA ASP A 77 17.92 6.79 -12.78
C ASP A 77 18.17 5.95 -11.53
N SER A 78 17.49 4.81 -11.41
CA SER A 78 17.66 3.90 -10.27
C SER A 78 17.31 4.56 -8.95
N ARG A 79 16.46 5.58 -8.99
CA ARG A 79 16.02 6.26 -7.78
C ARG A 79 14.52 6.32 -7.65
N LEU A 80 13.79 6.54 -8.75
CA LEU A 80 12.35 6.63 -8.73
C LEU A 80 11.74 5.24 -8.97
N LEU A 81 10.67 4.95 -8.23
CA LEU A 81 10.03 3.64 -8.28
C LEU A 81 8.52 3.84 -8.39
N VAL A 82 7.88 3.02 -9.21
CA VAL A 82 6.43 3.07 -9.42
C VAL A 82 5.85 1.71 -9.06
N SER A 83 4.76 1.71 -8.30
CA SER A 83 4.11 0.50 -7.85
C SER A 83 2.61 0.60 -8.09
N ALA A 84 1.99 -0.54 -8.42
CA ALA A 84 0.56 -0.62 -8.66
C ALA A 84 -0.07 -1.58 -7.67
N SER A 85 -1.25 -1.20 -7.16
CA SER A 85 -1.95 -1.99 -6.17
C SER A 85 -3.43 -2.07 -6.53
N GLN A 86 -4.13 -2.98 -5.87
CA GLN A 86 -5.56 -3.16 -6.11
C GLN A 86 -6.41 -2.04 -5.52
N ASP A 87 -5.82 -1.13 -4.74
CA ASP A 87 -6.57 -0.01 -4.20
C ASP A 87 -6.91 1.04 -5.27
N GLY A 88 -6.34 0.91 -6.47
CA GLY A 88 -6.63 1.84 -7.54
C GLY A 88 -5.77 3.08 -7.56
N LYS A 89 -4.56 3.02 -7.01
CA LYS A 89 -3.67 4.17 -6.98
C LYS A 89 -2.27 3.75 -7.37
N LEU A 90 -1.61 4.59 -8.16
CA LEU A 90 -0.21 4.43 -8.54
C LEU A 90 0.63 5.41 -7.75
N ILE A 91 1.63 4.90 -7.04
CA ILE A 91 2.48 5.71 -6.18
C ILE A 91 3.90 5.72 -6.74
N ILE A 92 4.45 6.90 -6.95
CA ILE A 92 5.83 7.06 -7.39
C ILE A 92 6.70 7.22 -6.15
N TRP A 93 7.48 6.19 -5.84
CA TRP A 93 8.27 6.17 -4.63
C TRP A 93 9.68 6.69 -4.89
N ASP A 94 10.23 7.39 -3.90
CA ASP A 94 11.63 7.80 -3.89
C ASP A 94 12.41 6.78 -3.06
N SER A 95 13.17 5.93 -3.73
CA SER A 95 13.82 4.81 -3.04
C SER A 95 14.84 5.30 -2.02
N TYR A 96 15.60 6.35 -2.35
CA TYR A 96 16.67 6.79 -1.49
C TYR A 96 16.16 7.32 -0.16
N THR A 97 15.08 8.09 -0.17
CA THR A 97 14.59 8.77 1.02
C THR A 97 13.24 8.26 1.51
N THR A 98 12.64 7.29 0.82
CA THR A 98 11.34 6.74 1.17
C THR A 98 10.28 7.86 1.21
N ASN A 99 10.05 8.42 0.03
CA ASN A 99 9.11 9.52 -0.14
C ASN A 99 8.19 9.23 -1.32
N LYS A 100 7.00 9.82 -1.28
CA LYS A 100 6.00 9.64 -2.33
C LYS A 100 6.03 10.87 -3.23
N VAL A 101 6.59 10.70 -4.43
CA VAL A 101 6.64 11.81 -5.38
C VAL A 101 5.25 12.12 -5.92
N HIS A 102 4.50 11.09 -6.28
CA HIS A 102 3.18 11.27 -6.87
C HIS A 102 2.26 10.14 -6.43
N ALA A 103 0.96 10.39 -6.52
CA ALA A 103 -0.07 9.39 -6.26
C ALA A 103 -1.15 9.57 -7.31
N ILE A 104 -1.11 8.73 -8.35
CA ILE A 104 -2.00 8.85 -9.50
C ILE A 104 -3.24 7.99 -9.23
N PRO A 105 -4.42 8.59 -9.07
CA PRO A 105 -5.64 7.78 -8.96
C PRO A 105 -5.96 7.09 -10.28
N LEU A 106 -6.61 5.95 -10.18
CA LEU A 106 -6.98 5.14 -11.34
C LEU A 106 -8.49 4.96 -11.38
N ARG A 107 -9.06 5.08 -12.57
CA ARG A 107 -10.50 4.89 -12.74
C ARG A 107 -10.90 3.45 -12.48
N SER A 108 -10.00 2.50 -12.72
CA SER A 108 -10.24 1.08 -12.46
C SER A 108 -9.28 0.61 -11.39
N SER A 109 -9.81 -0.04 -10.34
CA SER A 109 -9.01 -0.54 -9.24
C SER A 109 -8.68 -2.02 -9.38
N TRP A 110 -8.60 -2.52 -10.62
CA TRP A 110 -8.31 -3.91 -10.90
C TRP A 110 -7.11 -4.04 -11.82
N VAL A 111 -6.13 -3.15 -11.65
CA VAL A 111 -4.93 -3.19 -12.48
C VAL A 111 -4.00 -4.28 -11.99
N MET A 112 -3.15 -4.77 -12.91
CA MET A 112 -2.19 -5.80 -12.56
C MET A 112 -0.83 -5.58 -13.22
N THR A 113 -0.61 -4.44 -13.86
CA THR A 113 0.67 -4.17 -14.51
C THR A 113 0.99 -2.69 -14.37
N CYS A 114 2.29 -2.37 -14.50
CA CYS A 114 2.75 -1.00 -14.46
C CYS A 114 4.06 -0.90 -15.24
N ALA A 115 4.35 0.30 -15.72
CA ALA A 115 5.56 0.53 -16.51
C ALA A 115 6.07 1.93 -16.25
N TYR A 116 7.38 2.11 -16.42
CA TYR A 116 8.03 3.40 -16.27
C TYR A 116 8.74 3.73 -17.58
N ALA A 117 8.48 4.92 -18.10
CA ALA A 117 9.12 5.35 -19.33
C ALA A 117 10.62 5.53 -19.12
N PRO A 118 11.43 5.25 -20.13
CA PRO A 118 12.89 5.46 -19.98
C PRO A 118 13.24 6.90 -19.63
N SER A 119 12.51 7.87 -20.17
CA SER A 119 12.73 9.27 -19.82
C SER A 119 12.03 9.66 -18.51
N GLY A 120 11.12 8.84 -18.01
CA GLY A 120 10.40 9.14 -16.79
C GLY A 120 9.23 10.08 -16.94
N ASN A 121 8.92 10.51 -18.17
CA ASN A 121 7.84 11.46 -18.38
C ASN A 121 6.47 10.83 -18.26
N TYR A 122 6.35 9.53 -18.57
CA TYR A 122 5.06 8.85 -18.61
C TYR A 122 5.10 7.59 -17.77
N VAL A 123 3.93 7.22 -17.23
CA VAL A 123 3.74 5.98 -16.49
C VAL A 123 2.48 5.32 -17.01
N ALA A 124 2.57 4.03 -17.35
CA ALA A 124 1.47 3.29 -17.93
C ALA A 124 0.95 2.24 -16.96
N CYS A 125 -0.33 1.93 -17.06
CA CYS A 125 -0.97 0.93 -16.22
C CYS A 125 -2.12 0.30 -16.98
N GLY A 126 -2.52 -0.88 -16.53
CA GLY A 126 -3.62 -1.60 -17.15
C GLY A 126 -4.05 -2.76 -16.30
N GLY A 127 -5.27 -3.24 -16.57
CA GLY A 127 -5.81 -4.35 -15.82
C GLY A 127 -6.98 -5.04 -16.50
N LEU A 128 -8.00 -5.41 -15.71
CA LEU A 128 -9.16 -6.11 -16.24
C LEU A 128 -10.04 -5.23 -17.13
N ASP A 129 -9.81 -3.93 -17.15
CA ASP A 129 -10.59 -3.03 -17.99
C ASP A 129 -10.16 -3.05 -19.44
N ASN A 130 -9.08 -3.77 -19.77
CA ASN A 130 -8.56 -3.87 -21.14
C ASN A 130 -8.23 -2.50 -21.72
N ILE A 131 -7.73 -1.59 -20.86
CA ILE A 131 -7.32 -0.26 -21.27
C ILE A 131 -5.95 0.01 -20.67
N CYS A 132 -5.00 0.42 -21.52
CA CYS A 132 -3.64 0.73 -21.08
C CYS A 132 -3.52 2.24 -20.92
N SER A 133 -3.98 2.74 -19.77
CA SER A 133 -3.93 4.17 -19.50
C SER A 133 -2.50 4.65 -19.33
N ILE A 134 -2.20 5.81 -19.89
CA ILE A 134 -0.88 6.42 -19.83
C ILE A 134 -1.02 7.80 -19.21
N TYR A 135 -0.25 8.06 -18.16
CA TYR A 135 -0.35 9.30 -17.40
C TYR A 135 0.90 10.15 -17.61
N ASN A 136 0.71 11.46 -17.67
CA ASN A 136 1.79 12.41 -17.88
C ASN A 136 2.25 12.97 -16.53
N LEU A 137 3.56 12.92 -16.29
CA LEU A 137 4.11 13.37 -15.03
C LEU A 137 4.78 14.74 -15.11
N LYS A 138 4.97 15.29 -16.30
CA LYS A 138 5.64 16.57 -16.49
C LYS A 138 4.67 17.62 -16.99
N THR A 139 3.49 17.67 -16.38
CA THR A 139 2.47 18.62 -16.78
C THR A 139 2.82 20.02 -16.29
N ARG A 140 2.23 21.03 -16.94
CA ARG A 140 2.37 22.38 -16.45
C ARG A 140 1.71 22.54 -15.08
N GLU A 141 0.54 21.94 -14.91
CA GLU A 141 -0.11 21.93 -13.60
C GLU A 141 0.57 20.92 -12.68
N GLY A 142 0.27 21.03 -11.39
CA GLY A 142 0.88 20.16 -10.40
C GLY A 142 0.30 18.78 -10.31
N ASN A 143 -0.80 18.50 -11.01
CA ASN A 143 -1.43 17.20 -10.96
C ASN A 143 -0.97 16.32 -12.13
N VAL A 144 -1.15 15.02 -11.97
CA VAL A 144 -0.83 14.05 -13.00
C VAL A 144 -2.07 13.82 -13.84
N ARG A 145 -1.99 14.12 -15.13
CA ARG A 145 -3.14 14.00 -16.02
C ARG A 145 -2.92 12.86 -16.99
N VAL A 146 -3.98 12.10 -17.26
CA VAL A 146 -3.91 11.01 -18.22
C VAL A 146 -3.67 11.58 -19.61
N SER A 147 -2.93 10.83 -20.43
CA SER A 147 -2.56 11.27 -21.77
C SER A 147 -3.35 10.59 -22.87
N ARG A 148 -3.41 9.26 -22.86
CA ARG A 148 -4.14 8.52 -23.88
C ARG A 148 -4.61 7.21 -23.27
N GLU A 149 -5.82 6.79 -23.65
CA GLU A 149 -6.39 5.52 -23.22
C GLU A 149 -6.35 4.57 -24.40
N LEU A 150 -5.48 3.56 -24.32
CA LEU A 150 -5.32 2.59 -25.40
C LEU A 150 -6.41 1.55 -25.31
N ALA A 151 -7.25 1.47 -26.34
CA ALA A 151 -8.35 0.52 -26.39
C ALA A 151 -8.28 -0.30 -27.66
N GLY A 152 -8.73 -1.54 -27.58
CA GLY A 152 -8.69 -2.44 -28.71
C GLY A 152 -8.38 -3.87 -28.32
N HIS A 153 -8.01 -4.07 -27.06
CA HIS A 153 -7.71 -5.40 -26.55
C HIS A 153 -8.97 -6.02 -25.94
N THR A 154 -9.20 -7.30 -26.24
CA THR A 154 -10.34 -8.02 -25.71
C THR A 154 -10.06 -8.61 -24.33
N GLY A 155 -8.89 -9.24 -24.16
CA GLY A 155 -8.56 -9.84 -22.89
C GLY A 155 -8.01 -8.85 -21.89
N TYR A 156 -7.78 -9.35 -20.67
CA TYR A 156 -7.27 -8.52 -19.60
C TYR A 156 -5.81 -8.11 -19.86
N LEU A 157 -5.49 -6.88 -19.48
CA LEU A 157 -4.11 -6.42 -19.56
C LEU A 157 -3.21 -7.24 -18.65
N SER A 158 -2.04 -7.63 -19.15
CA SER A 158 -1.10 -8.44 -18.40
C SER A 158 0.23 -7.76 -18.19
N CYS A 159 0.82 -7.20 -19.24
CA CYS A 159 2.10 -6.51 -19.13
C CYS A 159 2.19 -5.41 -20.17
N CYS A 160 2.99 -4.40 -19.87
CA CYS A 160 3.21 -3.28 -20.78
C CYS A 160 4.64 -2.80 -20.60
N ARG A 161 5.30 -2.53 -21.72
CA ARG A 161 6.69 -2.08 -21.72
C ARG A 161 6.84 -0.88 -22.65
N PHE A 162 7.76 0.02 -22.29
CA PHE A 162 8.01 1.24 -23.03
C PHE A 162 9.28 1.08 -23.85
N LEU A 163 9.18 1.26 -25.16
CA LEU A 163 10.36 1.31 -26.01
C LEU A 163 10.88 2.73 -26.18
N ASP A 164 9.96 3.69 -26.35
CA ASP A 164 10.31 5.09 -26.45
C ASP A 164 9.13 5.90 -25.90
N ASP A 165 9.13 7.20 -26.17
CA ASP A 165 8.06 8.07 -25.71
C ASP A 165 6.84 8.04 -26.62
N ASN A 166 6.91 7.32 -27.74
CA ASN A 166 5.80 7.25 -28.68
C ASN A 166 5.23 5.85 -28.89
N GLN A 167 6.01 4.80 -28.61
CA GLN A 167 5.58 3.43 -28.83
C GLN A 167 5.64 2.65 -27.53
N ILE A 168 4.61 1.82 -27.30
CA ILE A 168 4.53 0.97 -26.12
C ILE A 168 4.04 -0.40 -26.56
N VAL A 169 4.74 -1.45 -26.11
CA VAL A 169 4.36 -2.83 -26.41
C VAL A 169 3.48 -3.35 -25.28
N THR A 170 2.32 -3.88 -25.65
CA THR A 170 1.31 -4.30 -24.68
C THR A 170 0.90 -5.74 -24.97
N SER A 171 0.89 -6.57 -23.94
CA SER A 171 0.42 -7.94 -24.02
C SER A 171 -0.81 -8.10 -23.15
N SER A 172 -1.87 -8.67 -23.72
CA SER A 172 -3.15 -8.81 -23.04
C SER A 172 -3.54 -10.28 -22.95
N GLY A 173 -4.72 -10.53 -22.41
CA GLY A 173 -5.25 -11.86 -22.24
C GLY A 173 -6.01 -12.43 -23.41
N ASP A 174 -6.04 -11.72 -24.54
CA ASP A 174 -6.70 -12.19 -25.74
C ASP A 174 -5.80 -13.04 -26.62
N THR A 175 -4.73 -13.61 -26.05
CA THR A 175 -3.75 -14.42 -26.78
C THR A 175 -3.18 -13.64 -27.96
N THR A 176 -2.93 -12.36 -27.75
CA THR A 176 -2.45 -11.49 -28.82
C THR A 176 -1.73 -10.29 -28.21
N CYS A 177 -0.50 -10.05 -28.65
CA CYS A 177 0.26 -8.87 -28.27
C CYS A 177 0.16 -7.82 -29.36
N ALA A 178 0.35 -6.56 -28.97
CA ALA A 178 0.24 -5.46 -29.92
C ALA A 178 1.20 -4.35 -29.54
N LEU A 179 1.56 -3.55 -30.54
CA LEU A 179 2.39 -2.36 -30.35
C LEU A 179 1.57 -1.14 -30.67
N TRP A 180 1.51 -0.19 -29.73
CA TRP A 180 0.63 0.96 -29.83
C TRP A 180 1.43 2.22 -30.14
N ASP A 181 0.70 3.31 -30.36
CA ASP A 181 1.26 4.62 -30.59
C ASP A 181 0.65 5.62 -29.61
N ILE A 182 1.44 6.63 -29.24
CA ILE A 182 0.98 7.59 -28.24
C ILE A 182 0.10 8.65 -28.88
N GLU A 183 0.56 9.25 -29.98
CA GLU A 183 -0.21 10.32 -30.62
C GLU A 183 -1.55 9.81 -31.13
N THR A 184 -1.56 8.63 -31.76
CA THR A 184 -2.77 8.02 -32.28
C THR A 184 -2.98 6.69 -31.58
N GLY A 185 -4.17 6.49 -31.01
CA GLY A 185 -4.47 5.26 -30.31
C GLY A 185 -4.81 4.11 -31.24
N GLN A 186 -3.85 3.73 -32.08
CA GLN A 186 -4.03 2.66 -33.05
C GLN A 186 -2.95 1.61 -32.87
N GLN A 187 -3.27 0.39 -33.28
CA GLN A 187 -2.33 -0.73 -33.19
C GLN A 187 -1.43 -0.72 -34.41
N THR A 188 -0.19 -0.25 -34.24
CA THR A 188 0.74 -0.21 -35.35
C THR A 188 1.08 -1.62 -35.83
N THR A 189 1.37 -2.52 -34.90
CA THR A 189 1.70 -3.91 -35.23
C THR A 189 0.95 -4.83 -34.27
N THR A 190 0.32 -5.86 -34.83
CA THR A 190 -0.41 -6.86 -34.05
C THR A 190 0.33 -8.18 -34.13
N PHE A 191 0.58 -8.78 -32.96
CA PHE A 191 1.29 -10.05 -32.88
C PHE A 191 0.30 -11.17 -32.61
N THR A 192 0.32 -12.20 -33.46
CA THR A 192 -0.58 -13.33 -33.35
C THR A 192 0.21 -14.62 -33.48
N GLY A 193 -0.24 -15.65 -32.78
CA GLY A 193 0.44 -16.94 -32.80
C GLY A 193 0.39 -17.66 -31.47
N HIS A 194 0.04 -16.95 -30.41
CA HIS A 194 -0.09 -17.56 -29.09
C HIS A 194 -1.44 -18.25 -28.97
N THR A 195 -1.42 -19.52 -28.57
CA THR A 195 -2.64 -20.29 -28.40
C THR A 195 -3.25 -20.17 -27.02
N GLY A 196 -2.58 -19.51 -26.08
CA GLY A 196 -3.08 -19.36 -24.74
C GLY A 196 -2.82 -17.96 -24.20
N ASP A 197 -3.32 -17.73 -22.99
CA ASP A 197 -3.14 -16.44 -22.34
C ASP A 197 -1.67 -16.16 -22.08
N VAL A 198 -1.25 -14.93 -22.35
CA VAL A 198 0.10 -14.46 -22.08
C VAL A 198 0.04 -13.45 -20.94
N MET A 199 0.83 -13.69 -19.89
CA MET A 199 0.75 -12.90 -18.67
C MET A 199 2.08 -12.22 -18.32
N SER A 200 3.03 -12.18 -19.24
CA SER A 200 4.30 -11.53 -18.97
C SER A 200 4.95 -11.14 -20.29
N LEU A 201 5.90 -10.21 -20.20
CA LEU A 201 6.59 -9.70 -21.38
C LEU A 201 7.85 -8.97 -20.92
N SER A 202 8.95 -9.21 -21.63
CA SER A 202 10.23 -8.57 -21.34
C SER A 202 10.85 -8.07 -22.64
N LEU A 203 11.46 -6.89 -22.59
CA LEU A 203 12.04 -6.25 -23.75
C LEU A 203 13.56 -6.39 -23.76
N ALA A 204 14.11 -6.54 -24.96
CA ALA A 204 15.55 -6.63 -25.13
C ALA A 204 16.20 -5.26 -24.90
N PRO A 205 17.48 -5.23 -24.54
CA PRO A 205 18.16 -3.94 -24.37
C PRO A 205 18.18 -3.08 -25.62
N ASP A 206 18.19 -3.70 -26.80
CA ASP A 206 18.22 -2.95 -28.06
C ASP A 206 16.84 -2.49 -28.51
N THR A 207 15.78 -2.86 -27.78
CA THR A 207 14.41 -2.43 -28.08
C THR A 207 14.01 -2.79 -29.51
N ARG A 208 14.37 -4.00 -29.93
CA ARG A 208 13.99 -4.51 -31.24
C ARG A 208 13.26 -5.85 -31.19
N LEU A 209 13.54 -6.68 -30.18
CA LEU A 209 12.89 -7.97 -30.01
C LEU A 209 12.40 -8.10 -28.58
N PHE A 210 11.38 -8.95 -28.40
CA PHE A 210 10.85 -9.21 -27.08
C PHE A 210 10.31 -10.63 -27.03
N VAL A 211 10.23 -11.18 -25.82
CA VAL A 211 9.79 -12.55 -25.58
C VAL A 211 8.54 -12.51 -24.70
N SER A 212 7.54 -13.28 -25.07
CA SER A 212 6.29 -13.36 -24.34
C SER A 212 6.07 -14.79 -23.85
N GLY A 213 5.76 -14.94 -22.57
CA GLY A 213 5.47 -16.23 -21.98
C GLY A 213 3.97 -16.43 -21.83
N ALA A 214 3.46 -17.45 -22.51
CA ALA A 214 2.03 -17.70 -22.57
C ALA A 214 1.64 -18.84 -21.63
N CYS A 215 0.35 -19.19 -21.67
CA CYS A 215 -0.19 -20.23 -20.81
C CYS A 215 0.05 -21.64 -21.34
N ASP A 216 0.47 -21.78 -22.60
CA ASP A 216 0.74 -23.09 -23.18
C ASP A 216 2.17 -23.56 -22.93
N ALA A 217 2.83 -23.04 -21.90
CA ALA A 217 4.20 -23.42 -21.54
C ALA A 217 5.16 -23.20 -22.71
N SER A 218 4.95 -22.10 -23.43
CA SER A 218 5.78 -21.76 -24.59
C SER A 218 6.16 -20.28 -24.53
N ALA A 219 7.41 -20.00 -24.89
CA ALA A 219 7.93 -18.64 -24.97
C ALA A 219 8.22 -18.31 -26.42
N LYS A 220 7.67 -17.20 -26.90
CA LYS A 220 7.77 -16.82 -28.30
C LYS A 220 8.54 -15.51 -28.43
N LEU A 221 9.47 -15.47 -29.37
CA LEU A 221 10.29 -14.30 -29.63
C LEU A 221 9.73 -13.57 -30.85
N TRP A 222 9.43 -12.28 -30.69
CA TRP A 222 8.85 -11.47 -31.74
C TRP A 222 9.81 -10.36 -32.15
N ASP A 223 9.56 -9.79 -33.33
CA ASP A 223 10.30 -8.65 -33.82
C ASP A 223 9.35 -7.48 -33.97
N VAL A 224 9.74 -6.32 -33.44
CA VAL A 224 8.85 -5.16 -33.42
C VAL A 224 8.64 -4.61 -34.83
N ARG A 225 9.69 -4.57 -35.64
CA ARG A 225 9.60 -3.91 -36.95
C ARG A 225 8.62 -4.63 -37.88
N GLU A 226 8.68 -5.96 -37.91
CA GLU A 226 7.83 -6.74 -38.81
C GLU A 226 6.61 -7.31 -38.09
N GLY A 227 6.82 -8.10 -37.04
CA GLY A 227 5.73 -8.65 -36.26
C GLY A 227 5.60 -10.16 -36.29
N MET A 228 6.44 -10.89 -37.03
CA MET A 228 6.34 -12.34 -37.04
C MET A 228 7.23 -12.94 -35.95
N CYS A 229 6.97 -14.21 -35.65
CA CYS A 229 7.70 -14.92 -34.60
C CYS A 229 9.00 -15.48 -35.16
N ARG A 230 10.13 -14.98 -34.66
CA ARG A 230 11.41 -15.48 -35.13
C ARG A 230 11.70 -16.88 -34.60
N GLN A 231 11.44 -17.11 -33.32
CA GLN A 231 11.73 -18.40 -32.69
C GLN A 231 10.67 -18.71 -31.65
N THR A 232 10.53 -19.99 -31.34
CA THR A 232 9.63 -20.45 -30.30
C THR A 232 10.39 -21.37 -29.35
N PHE A 233 10.10 -21.24 -28.05
CA PHE A 233 10.80 -21.98 -27.01
C PHE A 233 9.79 -22.75 -26.18
N THR A 234 10.05 -24.04 -25.96
CA THR A 234 9.20 -24.90 -25.16
C THR A 234 10.06 -25.63 -24.13
N GLY A 235 9.40 -26.39 -23.25
CA GLY A 235 10.11 -27.15 -22.24
C GLY A 235 9.41 -27.16 -20.90
N HIS A 236 8.61 -26.13 -20.64
CA HIS A 236 7.89 -26.04 -19.37
C HIS A 236 6.64 -26.93 -19.40
N GLU A 237 6.08 -27.16 -18.22
CA GLU A 237 4.89 -28.00 -18.07
C GLU A 237 3.69 -27.23 -17.54
N SER A 238 3.77 -25.91 -17.45
CA SER A 238 2.67 -25.10 -16.94
C SER A 238 2.79 -23.70 -17.51
N ASP A 239 1.80 -22.86 -17.20
CA ASP A 239 1.77 -21.50 -17.71
C ASP A 239 2.94 -20.69 -17.19
N ILE A 240 3.55 -19.91 -18.08
CA ILE A 240 4.73 -19.12 -17.75
C ILE A 240 4.27 -17.77 -17.22
N ASN A 241 4.60 -17.48 -15.95
CA ASN A 241 4.13 -16.27 -15.30
C ASN A 241 5.07 -15.09 -15.46
N ALA A 242 6.36 -15.34 -15.73
CA ALA A 242 7.31 -14.25 -15.85
C ALA A 242 8.41 -14.63 -16.82
N ILE A 243 9.08 -13.60 -17.35
CA ILE A 243 10.19 -13.78 -18.28
C ILE A 243 11.05 -12.53 -18.19
N CYS A 244 12.35 -12.70 -18.42
CA CYS A 244 13.28 -11.58 -18.33
C CYS A 244 14.48 -11.82 -19.22
N PHE A 245 14.80 -10.84 -20.05
CA PHE A 245 15.95 -10.95 -20.96
C PHE A 245 17.26 -10.93 -20.18
N PHE A 246 18.22 -11.71 -20.67
CA PHE A 246 19.56 -11.68 -20.10
C PHE A 246 20.24 -10.34 -20.42
N PRO A 247 21.00 -9.80 -19.48
CA PRO A 247 21.80 -8.60 -19.76
C PRO A 247 22.49 -8.59 -21.11
N ASN A 248 23.06 -9.72 -21.53
CA ASN A 248 23.82 -9.75 -22.78
C ASN A 248 22.89 -9.47 -23.97
N GLY A 249 21.79 -10.19 -24.07
CA GLY A 249 20.83 -9.94 -25.13
C GLY A 249 20.38 -11.16 -25.92
N ASN A 250 21.14 -12.25 -25.86
CA ASN A 250 20.81 -13.48 -26.58
C ASN A 250 20.41 -14.61 -25.64
N ALA A 251 19.81 -14.28 -24.50
CA ALA A 251 19.30 -15.29 -23.58
C ALA A 251 18.21 -14.67 -22.74
N PHE A 252 17.43 -15.54 -22.09
CA PHE A 252 16.38 -15.08 -21.18
C PHE A 252 16.05 -16.19 -20.21
N ALA A 253 15.49 -15.80 -19.06
CA ALA A 253 15.09 -16.73 -18.02
C ALA A 253 13.57 -16.82 -17.98
N THR A 254 13.05 -18.04 -17.84
CA THR A 254 11.63 -18.31 -17.91
C THR A 254 11.17 -18.97 -16.61
N GLY A 255 10.12 -18.42 -16.02
CA GLY A 255 9.53 -18.98 -14.81
C GLY A 255 8.05 -19.28 -15.04
N SER A 256 7.61 -20.44 -14.58
CA SER A 256 6.26 -20.93 -14.81
C SER A 256 5.58 -21.25 -13.48
N ASP A 257 4.35 -21.77 -13.58
CA ASP A 257 3.57 -22.09 -12.40
C ASP A 257 4.13 -23.27 -11.62
N ASP A 258 4.98 -24.09 -12.24
CA ASP A 258 5.68 -25.13 -11.50
C ASP A 258 6.85 -24.51 -10.75
N ALA A 259 7.62 -25.37 -10.08
CA ALA A 259 8.69 -24.90 -9.19
C ALA A 259 10.06 -24.94 -9.86
N THR A 260 10.13 -24.62 -11.15
CA THR A 260 11.39 -24.65 -11.88
C THR A 260 11.53 -23.40 -12.73
N CYS A 261 12.78 -23.04 -13.01
CA CYS A 261 13.11 -21.94 -13.90
C CYS A 261 14.04 -22.44 -14.99
N ARG A 262 13.81 -21.99 -16.22
CA ARG A 262 14.55 -22.43 -17.37
C ARG A 262 15.19 -21.24 -18.08
N LEU A 263 16.44 -21.42 -18.49
CA LEU A 263 17.19 -20.41 -19.23
C LEU A 263 17.35 -20.87 -20.67
N PHE A 264 16.88 -20.06 -21.61
CA PHE A 264 16.91 -20.38 -23.02
C PHE A 264 17.85 -19.45 -23.75
N ASP A 265 18.57 -20.00 -24.74
CA ASP A 265 19.51 -19.23 -25.55
C ASP A 265 18.92 -19.04 -26.94
N LEU A 266 18.93 -17.78 -27.40
CA LEU A 266 18.37 -17.48 -28.71
C LEU A 266 19.15 -18.16 -29.83
N ARG A 267 20.48 -18.13 -29.75
CA ARG A 267 21.29 -18.74 -30.81
C ARG A 267 21.18 -20.26 -30.78
N ALA A 268 21.20 -20.86 -29.58
CA ALA A 268 21.07 -22.31 -29.49
C ALA A 268 19.64 -22.77 -29.74
N ASP A 269 18.66 -21.91 -29.46
CA ASP A 269 17.24 -22.22 -29.65
C ASP A 269 16.84 -23.47 -28.88
N GLN A 270 17.38 -23.62 -27.66
CA GLN A 270 17.05 -24.76 -26.82
C GLN A 270 17.36 -24.41 -25.37
N GLU A 271 16.80 -25.21 -24.47
CA GLU A 271 17.02 -24.99 -23.05
C GLU A 271 18.48 -25.21 -22.69
N LEU A 272 19.02 -24.32 -21.86
CA LEU A 272 20.43 -24.37 -21.46
C LEU A 272 20.61 -25.06 -20.11
N MET A 273 19.93 -24.57 -19.08
CA MET A 273 20.09 -25.12 -17.74
C MET A 273 18.79 -24.92 -16.96
N THR A 274 18.46 -25.89 -16.12
CA THR A 274 17.22 -25.92 -15.37
C THR A 274 17.51 -25.70 -13.89
N TYR A 275 16.79 -24.75 -13.28
CA TYR A 275 16.92 -24.45 -11.86
C TYR A 275 15.70 -24.99 -11.13
N SER A 276 15.90 -26.00 -10.30
CA SER A 276 14.79 -26.60 -9.56
C SER A 276 15.33 -27.31 -8.32
N HIS A 277 14.44 -27.58 -7.38
CA HIS A 277 14.76 -28.34 -6.20
C HIS A 277 13.51 -29.02 -5.69
N ASP A 278 13.71 -30.09 -4.89
CA ASP A 278 12.59 -30.84 -4.36
C ASP A 278 11.88 -30.08 -3.24
N ASN A 279 12.61 -29.22 -2.52
CA ASN A 279 12.03 -28.48 -1.40
C ASN A 279 11.07 -27.38 -1.86
N ILE A 280 11.03 -27.07 -3.14
CA ILE A 280 10.16 -26.03 -3.68
C ILE A 280 9.03 -26.69 -4.45
N ILE A 281 7.79 -26.34 -4.10
CA ILE A 281 6.61 -26.86 -4.79
C ILE A 281 5.70 -25.70 -5.18
N CYS A 282 6.24 -24.50 -5.21
CA CYS A 282 5.48 -23.30 -5.53
C CYS A 282 6.01 -22.66 -6.81
N GLY A 283 5.12 -21.95 -7.50
CA GLY A 283 5.48 -21.33 -8.76
C GLY A 283 6.25 -20.04 -8.59
N ILE A 284 6.68 -19.50 -9.73
CA ILE A 284 7.44 -18.25 -9.79
C ILE A 284 6.53 -17.18 -10.36
N THR A 285 6.44 -16.05 -9.65
CA THR A 285 5.63 -14.93 -10.10
C THR A 285 6.45 -13.81 -10.73
N SER A 286 7.76 -13.78 -10.52
CA SER A 286 8.61 -12.75 -11.09
C SER A 286 10.03 -13.29 -11.22
N VAL A 287 10.65 -13.03 -12.37
CA VAL A 287 12.01 -13.45 -12.65
C VAL A 287 12.84 -12.22 -13.01
N SER A 288 14.02 -12.11 -12.41
CA SER A 288 14.89 -10.97 -12.66
C SER A 288 16.34 -11.41 -12.63
N PHE A 289 17.19 -10.60 -13.25
CA PHE A 289 18.63 -10.87 -13.35
C PHE A 289 19.40 -9.76 -12.66
N SER A 290 20.73 -9.95 -12.61
CA SER A 290 21.63 -8.96 -12.05
C SER A 290 22.27 -8.16 -13.19
N LYS A 291 23.09 -7.17 -12.81
CA LYS A 291 23.76 -6.34 -13.83
C LYS A 291 24.74 -7.17 -14.66
N SER A 292 25.52 -8.03 -14.01
CA SER A 292 26.47 -8.88 -14.72
C SER A 292 25.85 -10.16 -15.25
N GLY A 293 24.63 -10.49 -14.84
CA GLY A 293 23.97 -11.70 -15.28
C GLY A 293 24.37 -12.96 -14.54
N ARG A 294 25.27 -12.85 -13.56
CA ARG A 294 25.67 -14.03 -12.79
C ARG A 294 24.60 -14.45 -11.79
N LEU A 295 23.83 -13.50 -11.28
CA LEU A 295 22.83 -13.76 -10.25
C LEU A 295 21.44 -13.80 -10.86
N LEU A 296 20.69 -14.84 -10.53
CA LEU A 296 19.29 -14.98 -10.96
C LEU A 296 18.40 -14.88 -9.72
N LEU A 297 17.48 -13.93 -9.74
CA LEU A 297 16.53 -13.73 -8.65
C LEU A 297 15.13 -14.02 -9.15
N ALA A 298 14.44 -14.92 -8.46
CA ALA A 298 13.09 -15.33 -8.83
C ALA A 298 12.20 -15.35 -7.60
N GLY A 299 11.00 -14.78 -7.72
CA GLY A 299 10.04 -14.82 -6.65
C GLY A 299 9.35 -16.17 -6.56
N TYR A 300 8.59 -16.33 -5.47
CA TYR A 300 7.90 -17.59 -5.24
C TYR A 300 6.63 -17.33 -4.43
N ASP A 301 5.72 -18.30 -4.46
CA ASP A 301 4.46 -18.19 -3.75
C ASP A 301 4.54 -18.62 -2.30
N ASP A 302 5.72 -19.05 -1.83
CA ASP A 302 5.92 -19.45 -0.44
C ASP A 302 6.38 -18.28 0.44
N PHE A 303 6.02 -17.06 0.08
CA PHE A 303 6.39 -15.84 0.80
C PHE A 303 7.90 -15.63 0.84
N ASN A 304 8.64 -16.25 -0.08
CA ASN A 304 10.09 -16.18 -0.09
C ASN A 304 10.57 -15.85 -1.51
N CYS A 305 11.69 -15.13 -1.58
CA CYS A 305 12.37 -14.84 -2.83
C CYS A 305 13.72 -15.55 -2.83
N ASN A 306 13.98 -16.32 -3.88
CA ASN A 306 15.16 -17.17 -3.95
C ASN A 306 16.17 -16.63 -4.95
N VAL A 307 17.43 -16.61 -4.56
CA VAL A 307 18.52 -16.15 -5.41
C VAL A 307 19.21 -17.38 -5.97
N TRP A 308 19.27 -17.48 -7.30
CA TRP A 308 19.85 -18.61 -8.00
C TRP A 308 21.12 -18.19 -8.73
N ASP A 309 22.07 -19.11 -8.80
CA ASP A 309 23.27 -18.90 -9.60
C ASP A 309 22.94 -19.16 -11.06
N ALA A 310 23.14 -18.16 -11.90
CA ALA A 310 22.76 -18.26 -13.31
C ALA A 310 23.67 -19.18 -14.11
N LEU A 311 24.79 -19.64 -13.54
CA LEU A 311 25.71 -20.51 -14.25
C LEU A 311 25.87 -21.89 -13.63
N LYS A 312 25.53 -22.08 -12.36
CA LYS A 312 25.74 -23.35 -11.68
C LYS A 312 24.47 -24.00 -11.16
N ALA A 313 23.32 -23.33 -11.24
CA ALA A 313 22.05 -23.86 -10.75
C ALA A 313 22.13 -24.23 -9.27
N ASP A 314 22.86 -23.42 -8.50
CA ASP A 314 23.01 -23.62 -7.06
C ASP A 314 22.50 -22.39 -6.35
N ARG A 315 21.70 -22.60 -5.29
CA ARG A 315 21.15 -21.49 -4.54
C ARG A 315 22.25 -20.74 -3.79
N ALA A 316 22.16 -19.41 -3.80
CA ALA A 316 23.11 -18.56 -3.10
C ALA A 316 22.53 -17.86 -1.88
N GLY A 317 21.23 -17.59 -1.88
CA GLY A 317 20.61 -16.94 -0.74
C GLY A 317 19.11 -16.94 -0.87
N VAL A 318 18.45 -16.71 0.26
CA VAL A 318 16.99 -16.65 0.33
C VAL A 318 16.58 -15.29 0.89
N LEU A 319 15.67 -14.62 0.20
CA LEU A 319 15.16 -13.31 0.61
C LEU A 319 13.79 -13.53 1.24
N ALA A 320 13.79 -13.82 2.54
CA ALA A 320 12.57 -14.11 3.29
C ALA A 320 12.28 -12.94 4.22
N GLY A 321 11.43 -12.02 3.75
CA GLY A 321 11.05 -10.87 4.54
C GLY A 321 9.60 -10.46 4.35
N HIS A 322 8.83 -11.28 3.64
CA HIS A 322 7.45 -10.98 3.32
C HIS A 322 6.52 -12.04 3.91
N ASP A 323 5.39 -11.59 4.44
CA ASP A 323 4.39 -12.49 5.00
C ASP A 323 3.34 -12.92 3.98
N ASN A 324 3.44 -12.46 2.73
CA ASN A 324 2.52 -12.82 1.67
C ASN A 324 3.30 -13.16 0.42
N ARG A 325 2.58 -13.65 -0.60
CA ARG A 325 3.20 -14.09 -1.83
C ARG A 325 3.84 -12.90 -2.56
N VAL A 326 5.08 -13.09 -3.01
CA VAL A 326 5.78 -12.06 -3.77
C VAL A 326 5.26 -12.07 -5.21
N SER A 327 4.81 -10.90 -5.67
CA SER A 327 4.20 -10.78 -6.99
C SER A 327 5.08 -10.11 -8.03
N CYS A 328 5.98 -9.21 -7.62
CA CYS A 328 6.81 -8.47 -8.56
C CYS A 328 8.24 -8.42 -8.05
N LEU A 329 9.18 -8.32 -8.99
CA LEU A 329 10.60 -8.22 -8.68
C LEU A 329 11.22 -7.13 -9.53
N GLY A 330 12.28 -6.52 -9.01
CA GLY A 330 12.94 -5.44 -9.72
C GLY A 330 14.39 -5.23 -9.34
N VAL A 331 15.25 -5.03 -10.34
CA VAL A 331 16.65 -4.71 -10.13
C VAL A 331 16.96 -3.42 -10.87
N THR A 332 17.66 -2.50 -10.21
CA THR A 332 17.95 -1.21 -10.80
C THR A 332 18.86 -1.36 -12.02
N ASP A 333 18.96 -0.28 -12.79
CA ASP A 333 19.79 -0.30 -14.00
C ASP A 333 21.25 -0.54 -13.65
N ASP A 334 21.75 0.09 -12.59
CA ASP A 334 23.12 -0.12 -12.17
C ASP A 334 23.30 -1.39 -11.33
N GLY A 335 22.21 -2.08 -11.00
CA GLY A 335 22.31 -3.29 -10.22
C GLY A 335 22.69 -3.08 -8.77
N MET A 336 22.52 -1.87 -8.25
CA MET A 336 22.92 -1.55 -6.89
C MET A 336 21.84 -1.85 -5.86
N ALA A 337 20.63 -2.21 -6.29
CA ALA A 337 19.56 -2.51 -5.35
C ALA A 337 18.57 -3.46 -6.00
N VAL A 338 17.85 -4.20 -5.15
CA VAL A 338 16.81 -5.12 -5.58
C VAL A 338 15.54 -4.79 -4.80
N ALA A 339 14.46 -4.52 -5.52
CA ALA A 339 13.17 -4.19 -4.91
C ALA A 339 12.23 -5.39 -5.06
N THR A 340 11.59 -5.77 -3.96
CA THR A 340 10.70 -6.91 -3.93
C THR A 340 9.33 -6.47 -3.41
N GLY A 341 8.29 -6.75 -4.18
CA GLY A 341 6.93 -6.41 -3.80
C GLY A 341 6.12 -7.68 -3.58
N SER A 342 5.18 -7.63 -2.64
CA SER A 342 4.38 -8.78 -2.29
C SER A 342 2.93 -8.34 -2.09
N TRP A 343 2.07 -9.30 -1.77
CA TRP A 343 0.65 -9.03 -1.55
C TRP A 343 0.36 -8.42 -0.19
N ASP A 344 1.37 -8.33 0.68
CA ASP A 344 1.20 -7.73 2.00
C ASP A 344 1.21 -6.21 1.98
N SER A 345 1.08 -5.60 0.80
CA SER A 345 1.05 -4.15 0.64
C SER A 345 2.34 -3.50 1.15
N PHE A 346 3.45 -4.23 1.09
CA PHE A 346 4.75 -3.73 1.55
C PHE A 346 5.77 -3.90 0.44
N LEU A 347 6.63 -2.90 0.27
CA LEU A 347 7.73 -2.93 -0.68
C LEU A 347 9.04 -2.86 0.09
N LYS A 348 9.99 -3.72 -0.27
CA LYS A 348 11.27 -3.79 0.41
C LYS A 348 12.40 -3.70 -0.62
N ILE A 349 13.49 -3.05 -0.22
CA ILE A 349 14.68 -2.90 -1.05
C ILE A 349 15.82 -3.66 -0.39
N TRP A 350 16.45 -4.56 -1.14
CA TRP A 350 17.48 -5.43 -0.60
C TRP A 350 18.84 -5.09 -1.20
N ASN A 351 19.87 -5.17 -0.37
CA ASN A 351 21.23 -4.87 -0.81
C ASN A 351 22.22 -5.70 0.02
N GLY A 352 23.41 -5.87 -0.53
CA GLY A 352 24.46 -6.60 0.15
C GLY A 352 25.24 -5.74 1.12
N SER A 353 26.23 -6.37 1.74
CA SER A 353 27.09 -5.68 2.70
C SER A 353 28.49 -6.30 2.74
N LEU B 5 18.31 17.77 7.00
CA LEU B 5 17.69 17.93 5.69
C LEU B 5 17.75 19.39 5.23
N SER B 6 17.73 19.59 3.92
CA SER B 6 17.80 20.92 3.34
C SER B 6 16.41 21.55 3.31
N ALA B 7 16.33 22.76 2.75
CA ALA B 7 15.06 23.47 2.67
C ALA B 7 14.08 22.74 1.76
N GLU B 8 14.54 22.30 0.58
CA GLU B 8 13.64 21.60 -0.33
C GLU B 8 13.39 20.17 0.10
N ASP B 9 14.34 19.57 0.82
CA ASP B 9 14.14 18.21 1.33
C ASP B 9 12.99 18.15 2.33
N LYS B 10 12.89 19.16 3.20
CA LYS B 10 11.79 19.21 4.15
C LYS B 10 10.46 19.38 3.45
N ALA B 11 10.42 20.20 2.40
CA ALA B 11 9.19 20.37 1.64
C ALA B 11 8.76 19.07 0.98
N ALA B 12 9.71 18.32 0.43
CA ALA B 12 9.39 17.03 -0.17
C ALA B 12 8.88 16.04 0.87
N VAL B 13 9.47 16.04 2.06
CA VAL B 13 9.01 15.16 3.13
C VAL B 13 7.59 15.52 3.54
N GLU B 14 7.30 16.82 3.67
CA GLU B 14 5.96 17.25 4.03
C GLU B 14 4.95 16.88 2.96
N ARG B 15 5.35 16.97 1.69
CA ARG B 15 4.46 16.58 0.60
C ARG B 15 4.07 15.10 0.70
N SER B 16 5.04 14.25 1.04
CA SER B 16 4.75 12.83 1.20
C SER B 16 3.75 12.59 2.33
N LYS B 17 3.88 13.35 3.43
CA LYS B 17 2.94 13.20 4.54
C LYS B 17 1.54 13.62 4.14
N MET B 18 1.41 14.63 3.28
CA MET B 18 0.08 15.03 2.80
C MET B 18 -0.57 13.91 2.00
N ILE B 19 0.22 13.21 1.18
CA ILE B 19 -0.32 12.06 0.44
C ILE B 19 -0.73 10.95 1.39
N ASP B 20 0.01 10.78 2.48
CA ASP B 20 -0.33 9.75 3.47
C ASP B 20 -1.71 10.02 4.06
N ARG B 21 -2.02 11.29 4.34
CA ARG B 21 -3.35 11.63 4.85
C ARG B 21 -4.43 11.31 3.81
N ASN B 22 -4.17 11.63 2.54
CA ASN B 22 -5.13 11.33 1.49
C ASN B 22 -5.31 9.83 1.31
N LEU B 23 -4.23 9.06 1.37
CA LEU B 23 -4.33 7.62 1.25
C LEU B 23 -5.14 7.02 2.39
N ARG B 24 -4.91 7.49 3.62
CA ARG B 24 -5.66 6.98 4.77
C ARG B 24 -7.14 7.32 4.65
N GLU B 25 -7.46 8.53 4.20
CA GLU B 25 -8.86 8.92 4.04
C GLU B 25 -9.55 8.07 2.98
N ASP B 26 -8.88 7.82 1.85
CA ASP B 26 -9.46 6.99 0.80
C ASP B 26 -9.59 5.55 1.25
N GLY B 27 -8.59 5.04 1.99
CA GLY B 27 -8.67 3.67 2.47
C GLY B 27 -9.79 3.45 3.46
N GLU B 28 -9.99 4.39 4.38
CA GLU B 28 -11.08 4.27 5.34
C GLU B 28 -12.44 4.31 4.65
N LYS B 29 -12.60 5.20 3.67
CA LYS B 29 -13.87 5.26 2.95
C LYS B 29 -14.12 3.99 2.15
N ALA B 30 -13.07 3.44 1.53
CA ALA B 30 -13.23 2.22 0.74
C ALA B 30 -13.56 1.02 1.61
N ALA B 31 -13.13 1.03 2.88
CA ALA B 31 -13.40 -0.08 3.78
C ALA B 31 -14.86 -0.13 4.21
N ARG B 32 -15.61 0.95 4.05
CA ARG B 32 -17.02 1.00 4.41
C ARG B 32 -17.94 0.57 3.27
N GLU B 33 -17.39 0.17 2.14
CA GLU B 33 -18.18 -0.23 0.98
C GLU B 33 -18.11 -1.74 0.82
N VAL B 34 -19.28 -2.37 0.70
CA VAL B 34 -19.35 -3.82 0.54
C VAL B 34 -19.12 -4.17 -0.92
N LYS B 35 -18.20 -5.11 -1.15
CA LYS B 35 -17.85 -5.53 -2.50
C LYS B 35 -18.56 -6.84 -2.84
N LEU B 36 -19.26 -6.84 -3.97
CA LEU B 36 -19.98 -8.03 -4.44
C LEU B 36 -19.53 -8.35 -5.85
N LEU B 37 -19.47 -9.64 -6.15
CA LEU B 37 -19.04 -10.13 -7.45
C LEU B 37 -20.17 -10.93 -8.10
N LEU B 38 -20.50 -10.57 -9.33
CA LEU B 38 -21.55 -11.23 -10.10
C LEU B 38 -20.92 -12.22 -11.06
N LEU B 39 -21.37 -13.48 -11.01
CA LEU B 39 -20.77 -14.57 -11.77
C LEU B 39 -21.85 -15.36 -12.51
N GLY B 40 -22.72 -14.65 -13.24
CA GLY B 40 -23.72 -15.33 -14.04
C GLY B 40 -23.09 -16.15 -15.14
N ALA B 41 -23.73 -17.27 -15.47
CA ALA B 41 -23.22 -18.22 -16.45
C ALA B 41 -24.00 -18.07 -17.75
N GLY B 42 -23.35 -17.49 -18.75
CA GLY B 42 -23.99 -17.33 -20.05
C GLY B 42 -25.21 -16.44 -20.04
N GLU B 43 -25.15 -15.33 -19.32
CA GLU B 43 -26.27 -14.38 -19.23
C GLU B 43 -27.55 -15.06 -18.76
N SER B 44 -27.42 -15.96 -17.78
CA SER B 44 -28.56 -16.68 -17.23
C SER B 44 -29.22 -15.81 -16.16
N GLY B 45 -29.96 -14.82 -16.63
CA GLY B 45 -30.61 -13.88 -15.73
C GLY B 45 -29.67 -12.93 -15.04
N LYS B 46 -28.48 -12.71 -15.59
CA LYS B 46 -27.53 -11.80 -14.96
C LYS B 46 -27.96 -10.35 -15.12
N SER B 47 -28.46 -9.99 -16.30
CA SER B 47 -28.85 -8.61 -16.57
C SER B 47 -30.24 -8.26 -16.03
N THR B 48 -31.04 -9.27 -15.64
CA THR B 48 -32.37 -9.00 -15.12
C THR B 48 -32.37 -8.65 -13.63
N ILE B 49 -31.23 -8.79 -12.95
CA ILE B 49 -31.12 -8.42 -11.55
C ILE B 49 -30.32 -7.15 -11.33
N VAL B 50 -29.48 -6.74 -12.30
CA VAL B 50 -28.74 -5.50 -12.16
C VAL B 50 -29.69 -4.31 -12.14
N LYS B 51 -30.69 -4.31 -13.02
CA LYS B 51 -31.65 -3.21 -13.06
C LYS B 51 -32.60 -3.24 -11.87
N GLN B 52 -32.69 -4.35 -11.15
CA GLN B 52 -33.57 -4.47 -10.00
C GLN B 52 -32.93 -3.95 -8.71
N MET B 53 -31.66 -3.57 -8.74
CA MET B 53 -30.99 -3.04 -7.56
C MET B 53 -31.13 -1.53 -7.49
N THR B 182 -16.00 -2.74 -23.17
CA THR B 182 -15.54 -2.74 -21.79
C THR B 182 -15.49 -4.16 -21.23
N GLY B 183 -14.44 -4.46 -20.48
CA GLY B 183 -14.25 -5.77 -19.89
C GLY B 183 -15.04 -5.99 -18.63
N ILE B 184 -14.83 -5.12 -17.64
CA ILE B 184 -15.49 -5.20 -16.35
C ILE B 184 -16.47 -4.05 -16.21
N VAL B 185 -17.68 -4.36 -15.74
CA VAL B 185 -18.72 -3.37 -15.51
C VAL B 185 -19.00 -3.30 -14.02
N GLU B 186 -18.89 -2.10 -13.46
CA GLU B 186 -19.09 -1.87 -12.04
C GLU B 186 -20.43 -1.18 -11.82
N THR B 187 -21.27 -1.78 -10.98
CA THR B 187 -22.58 -1.23 -10.63
C THR B 187 -22.57 -0.83 -9.15
N HIS B 188 -22.91 0.43 -8.88
CA HIS B 188 -22.92 0.97 -7.53
C HIS B 188 -24.33 1.36 -7.13
N PHE B 189 -24.75 0.90 -5.96
CA PHE B 189 -26.07 1.25 -5.43
C PHE B 189 -26.00 1.25 -3.91
N THR B 190 -26.93 1.98 -3.30
CA THR B 190 -26.98 2.15 -1.85
C THR B 190 -28.29 1.61 -1.32
N PHE B 191 -28.20 0.74 -0.31
CA PHE B 191 -29.37 0.21 0.38
C PHE B 191 -29.12 0.28 1.88
N LYS B 192 -30.07 0.87 2.60
CA LYS B 192 -29.97 1.05 4.05
C LYS B 192 -28.67 1.77 4.43
N ASP B 193 -28.34 2.82 3.68
CA ASP B 193 -27.15 3.63 3.91
C ASP B 193 -25.87 2.82 3.82
N LEU B 194 -25.89 1.74 3.05
CA LEU B 194 -24.72 0.89 2.84
C LEU B 194 -24.38 0.89 1.36
N HIS B 195 -23.12 1.19 1.04
CA HIS B 195 -22.68 1.26 -0.34
C HIS B 195 -22.32 -0.14 -0.84
N PHE B 196 -22.85 -0.49 -2.01
CA PHE B 196 -22.62 -1.80 -2.60
C PHE B 196 -21.92 -1.64 -3.95
N LYS B 197 -20.92 -2.48 -4.19
CA LYS B 197 -20.21 -2.52 -5.46
C LYS B 197 -20.42 -3.88 -6.10
N MET B 198 -20.92 -3.88 -7.33
CA MET B 198 -21.16 -5.11 -8.08
C MET B 198 -20.24 -5.15 -9.29
N PHE B 199 -19.47 -6.22 -9.42
CA PHE B 199 -18.52 -6.39 -10.50
C PHE B 199 -18.97 -7.53 -11.41
N ASP B 200 -19.01 -7.26 -12.70
CA ASP B 200 -19.38 -8.24 -13.72
C ASP B 200 -18.14 -8.58 -14.54
N VAL B 201 -17.82 -9.88 -14.61
CA VAL B 201 -16.63 -10.33 -15.33
C VAL B 201 -17.03 -11.33 -16.40
N GLY B 202 -18.28 -11.25 -16.87
CA GLY B 202 -18.74 -12.16 -17.90
C GLY B 202 -18.17 -11.87 -19.28
N GLY B 203 -17.71 -10.64 -19.52
CA GLY B 203 -17.14 -10.25 -20.78
C GLY B 203 -15.64 -10.39 -20.88
N GLN B 204 -14.99 -10.99 -19.87
CA GLN B 204 -13.53 -11.13 -19.91
C GLN B 204 -13.09 -12.01 -21.07
N ARG B 205 -13.76 -13.14 -21.27
CA ARG B 205 -13.45 -14.09 -22.35
C ARG B 205 -11.99 -14.52 -22.29
N SER B 206 -11.49 -14.76 -21.08
CA SER B 206 -10.11 -15.18 -20.88
C SER B 206 -10.10 -16.30 -19.85
N GLU B 207 -8.90 -16.67 -19.40
CA GLU B 207 -8.78 -17.74 -18.41
C GLU B 207 -9.24 -17.23 -17.04
N ARG B 208 -10.16 -17.97 -16.42
CA ARG B 208 -10.73 -17.54 -15.16
C ARG B 208 -9.70 -17.54 -14.03
N LYS B 209 -8.86 -18.57 -13.98
CA LYS B 209 -7.93 -18.75 -12.86
C LYS B 209 -6.75 -17.77 -12.89
N LYS B 210 -6.58 -17.02 -13.98
CA LYS B 210 -5.52 -16.03 -14.05
C LYS B 210 -5.87 -14.73 -13.34
N TRP B 211 -7.15 -14.48 -13.04
CA TRP B 211 -7.54 -13.25 -12.36
C TRP B 211 -8.56 -13.49 -11.26
N ILE B 212 -8.86 -14.75 -10.92
CA ILE B 212 -9.83 -15.03 -9.87
C ILE B 212 -9.28 -14.71 -8.50
N HIS B 213 -7.96 -14.59 -8.37
CA HIS B 213 -7.37 -14.24 -7.08
C HIS B 213 -7.43 -12.75 -6.80
N CYS B 214 -7.69 -11.93 -7.81
CA CYS B 214 -7.82 -10.49 -7.59
C CYS B 214 -9.07 -10.16 -6.79
N PHE B 215 -10.12 -10.94 -6.94
CA PHE B 215 -11.37 -10.71 -6.23
C PHE B 215 -11.44 -11.45 -4.90
N GLU B 216 -10.35 -12.09 -4.49
CA GLU B 216 -10.33 -12.76 -3.19
C GLU B 216 -10.49 -11.74 -2.07
N GLY B 217 -11.34 -12.07 -1.11
CA GLY B 217 -11.65 -11.18 -0.01
C GLY B 217 -12.92 -10.38 -0.17
N VAL B 218 -13.74 -10.67 -1.18
CA VAL B 218 -14.99 -9.94 -1.33
C VAL B 218 -15.97 -10.33 -0.23
N THR B 219 -16.95 -9.46 0.00
CA THR B 219 -17.94 -9.72 1.04
C THR B 219 -18.79 -10.95 0.69
N ALA B 220 -19.24 -11.04 -0.55
CA ALA B 220 -20.06 -12.16 -0.98
C ALA B 220 -19.97 -12.30 -2.49
N ILE B 221 -20.38 -13.47 -2.98
CA ILE B 221 -20.39 -13.77 -4.40
C ILE B 221 -21.84 -14.01 -4.82
N ILE B 222 -22.29 -13.27 -5.83
CA ILE B 222 -23.66 -13.37 -6.33
C ILE B 222 -23.64 -14.27 -7.56
N PHE B 223 -24.42 -15.36 -7.51
CA PHE B 223 -24.48 -16.33 -8.59
C PHE B 223 -25.88 -16.33 -9.18
N CYS B 224 -25.97 -16.19 -10.50
CA CYS B 224 -27.24 -16.18 -11.22
C CYS B 224 -27.32 -17.44 -12.08
N VAL B 225 -28.33 -18.26 -11.83
CA VAL B 225 -28.56 -19.48 -12.59
C VAL B 225 -30.00 -19.47 -13.08
N ALA B 226 -30.17 -19.64 -14.40
CA ALA B 226 -31.51 -19.72 -14.96
C ALA B 226 -32.15 -21.07 -14.65
N LEU B 227 -33.47 -21.09 -14.66
CA LEU B 227 -34.24 -22.32 -14.41
C LEU B 227 -34.93 -22.86 -15.65
N SER B 228 -35.00 -22.08 -16.73
CA SER B 228 -35.64 -22.50 -17.96
C SER B 228 -34.66 -23.10 -18.97
N ASP B 229 -33.39 -23.26 -18.58
CA ASP B 229 -32.37 -23.77 -19.48
C ASP B 229 -32.20 -25.28 -19.41
N TYR B 230 -33.01 -25.97 -18.60
CA TYR B 230 -32.91 -27.43 -18.51
C TYR B 230 -33.29 -28.08 -19.84
N ASP B 231 -34.31 -27.56 -20.51
CA ASP B 231 -34.71 -28.09 -21.80
C ASP B 231 -33.62 -27.86 -22.85
N LEU B 232 -33.00 -26.69 -22.83
CA LEU B 232 -31.96 -26.35 -23.80
C LEU B 232 -30.62 -26.97 -23.40
N MET B 240 -23.01 -30.01 -22.64
CA MET B 240 -24.12 -29.97 -23.57
C MET B 240 -25.27 -29.11 -23.01
N ASN B 241 -25.84 -29.56 -21.89
CA ASN B 241 -26.92 -28.82 -21.26
C ASN B 241 -26.40 -27.50 -20.69
N ARG B 242 -27.27 -26.49 -20.69
CA ARG B 242 -26.87 -25.16 -20.25
C ARG B 242 -26.67 -25.07 -18.74
N MET B 243 -27.37 -25.89 -17.95
CA MET B 243 -27.17 -25.88 -16.51
C MET B 243 -26.02 -26.77 -16.06
N HIS B 244 -25.66 -27.79 -16.85
CA HIS B 244 -24.47 -28.58 -16.53
C HIS B 244 -23.22 -27.74 -16.60
N GLU B 245 -23.14 -26.83 -17.58
CA GLU B 245 -22.07 -25.85 -17.60
C GLU B 245 -22.13 -24.95 -16.37
N SER B 246 -23.34 -24.53 -15.99
CA SER B 246 -23.50 -23.75 -14.77
C SER B 246 -23.09 -24.54 -13.54
N MET B 247 -23.45 -25.82 -13.48
CA MET B 247 -23.04 -26.66 -12.36
C MET B 247 -21.52 -26.83 -12.32
N LYS B 248 -20.91 -27.05 -13.47
CA LYS B 248 -19.45 -27.16 -13.53
C LYS B 248 -18.78 -25.85 -13.11
N LEU B 249 -19.32 -24.73 -13.60
CA LEU B 249 -18.74 -23.43 -13.24
C LEU B 249 -18.96 -23.12 -11.76
N PHE B 250 -20.13 -23.49 -11.23
CA PHE B 250 -20.38 -23.31 -9.80
C PHE B 250 -19.45 -24.19 -8.97
N ASP B 251 -19.19 -25.42 -9.42
CA ASP B 251 -18.36 -26.34 -8.64
C ASP B 251 -16.94 -25.80 -8.48
N SER B 252 -16.38 -25.23 -9.55
CA SER B 252 -14.99 -24.78 -9.50
C SER B 252 -14.80 -23.58 -8.59
N ILE B 253 -15.68 -22.57 -8.72
CA ILE B 253 -15.53 -21.35 -7.93
C ILE B 253 -15.85 -21.63 -6.46
N CYS B 254 -16.88 -22.42 -6.19
CA CYS B 254 -17.26 -22.72 -4.82
C CYS B 254 -16.14 -23.45 -4.08
N ASN B 255 -15.41 -24.32 -4.78
CA ASN B 255 -14.29 -25.05 -4.19
C ASN B 255 -12.96 -24.38 -4.43
N ASN B 256 -12.96 -23.16 -4.96
CA ASN B 256 -11.71 -22.45 -5.21
C ASN B 256 -10.99 -22.13 -3.91
N LYS B 257 -9.66 -22.12 -3.97
CA LYS B 257 -8.85 -21.83 -2.79
C LYS B 257 -9.08 -20.42 -2.29
N TRP B 258 -9.17 -19.45 -3.21
CA TRP B 258 -9.34 -18.06 -2.81
C TRP B 258 -10.74 -17.77 -2.27
N PHE B 259 -11.70 -18.66 -2.51
CA PHE B 259 -13.08 -18.48 -2.06
C PHE B 259 -13.49 -19.61 -1.13
N THR B 260 -12.62 -19.97 -0.19
CA THR B 260 -12.92 -21.05 0.75
C THR B 260 -13.85 -20.61 1.87
N ASP B 261 -14.07 -19.30 2.04
CA ASP B 261 -14.96 -18.80 3.09
C ASP B 261 -15.94 -17.75 2.61
N THR B 262 -15.84 -17.27 1.37
CA THR B 262 -16.75 -16.26 0.87
C THR B 262 -18.15 -16.85 0.69
N SER B 263 -19.16 -16.10 1.12
CA SER B 263 -20.53 -16.54 0.99
C SER B 263 -20.98 -16.47 -0.47
N ILE B 264 -21.79 -17.45 -0.88
CA ILE B 264 -22.32 -17.53 -2.23
C ILE B 264 -23.81 -17.29 -2.18
N ILE B 265 -24.29 -16.31 -2.96
CA ILE B 265 -25.70 -15.99 -3.02
C ILE B 265 -26.28 -16.46 -4.34
N LEU B 266 -26.85 -17.67 -4.35
CA LEU B 266 -27.43 -18.22 -5.57
C LEU B 266 -28.74 -17.51 -5.88
N PHE B 267 -28.91 -17.11 -7.14
CA PHE B 267 -30.10 -16.40 -7.61
C PHE B 267 -30.73 -17.23 -8.71
N LEU B 268 -31.69 -18.09 -8.34
CA LEU B 268 -32.40 -18.94 -9.30
C LEU B 268 -33.57 -18.14 -9.86
N ASN B 269 -33.28 -17.34 -10.88
CA ASN B 269 -34.26 -16.47 -11.49
C ASN B 269 -35.00 -17.21 -12.60
N LYS B 270 -35.79 -16.48 -13.38
CA LYS B 270 -36.58 -17.03 -14.49
C LYS B 270 -37.49 -18.15 -14.01
N LYS B 271 -38.07 -17.98 -12.82
CA LYS B 271 -39.01 -18.96 -12.30
C LYS B 271 -40.38 -18.86 -12.94
N ASP B 272 -40.72 -17.71 -13.54
CA ASP B 272 -41.99 -17.59 -14.25
C ASP B 272 -42.04 -18.49 -15.46
N LEU B 273 -40.95 -18.56 -16.24
CA LEU B 273 -40.89 -19.45 -17.39
C LEU B 273 -40.83 -20.91 -16.99
N PHE B 274 -40.45 -21.20 -15.74
CA PHE B 274 -40.41 -22.59 -15.28
C PHE B 274 -41.82 -23.18 -15.21
N GLU B 275 -42.81 -22.36 -14.85
CA GLU B 275 -44.19 -22.85 -14.78
C GLU B 275 -44.70 -23.29 -16.14
N GLU B 276 -44.42 -22.50 -17.18
CA GLU B 276 -44.93 -22.80 -18.51
C GLU B 276 -44.10 -23.85 -19.25
N LYS B 277 -42.91 -24.16 -18.77
CA LYS B 277 -42.05 -25.14 -19.41
C LYS B 277 -42.11 -26.51 -18.76
N ILE B 278 -42.32 -26.58 -17.45
CA ILE B 278 -42.34 -27.87 -16.76
C ILE B 278 -43.62 -28.64 -17.03
N LYS B 279 -44.66 -27.97 -17.52
CA LYS B 279 -45.93 -28.66 -17.81
C LYS B 279 -45.74 -29.69 -18.93
N LYS B 280 -44.98 -29.34 -19.97
CA LYS B 280 -44.76 -30.22 -21.11
C LYS B 280 -43.43 -30.95 -21.01
N SER B 281 -42.33 -30.21 -20.90
CA SER B 281 -41.00 -30.81 -20.82
C SER B 281 -40.65 -31.11 -19.37
N PRO B 282 -40.39 -32.36 -19.01
CA PRO B 282 -40.06 -32.68 -17.61
C PRO B 282 -38.58 -32.50 -17.31
N LEU B 283 -38.19 -32.76 -16.06
CA LEU B 283 -36.81 -32.62 -15.63
C LEU B 283 -35.97 -33.85 -15.92
N THR B 284 -36.57 -34.90 -16.50
CA THR B 284 -35.81 -36.10 -16.84
C THR B 284 -34.74 -35.81 -17.89
N ILE B 285 -35.01 -34.88 -18.82
CA ILE B 285 -34.04 -34.55 -19.86
C ILE B 285 -32.76 -33.98 -19.23
N CYS B 286 -32.90 -33.08 -18.26
CA CYS B 286 -31.74 -32.50 -17.61
C CYS B 286 -31.11 -33.49 -16.63
N TYR B 287 -31.88 -33.93 -15.64
CA TYR B 287 -31.39 -34.87 -14.63
C TYR B 287 -32.04 -36.23 -14.86
N PRO B 288 -31.27 -37.27 -15.19
CA PRO B 288 -31.89 -38.59 -15.40
C PRO B 288 -32.19 -39.34 -14.12
N GLU B 289 -31.52 -39.01 -13.01
CA GLU B 289 -31.77 -39.67 -11.73
C GLU B 289 -32.79 -38.87 -10.91
N TYR B 290 -33.96 -38.68 -11.50
CA TYR B 290 -35.06 -37.95 -10.87
C TYR B 290 -36.24 -38.87 -10.71
N ALA B 291 -36.78 -38.94 -9.49
CA ALA B 291 -37.91 -39.80 -9.19
C ALA B 291 -39.17 -39.02 -8.83
N GLY B 292 -39.10 -37.70 -8.69
CA GLY B 292 -40.25 -36.90 -8.35
C GLY B 292 -41.17 -36.67 -9.53
N SER B 293 -42.29 -36.00 -9.24
CA SER B 293 -43.28 -35.68 -10.26
C SER B 293 -42.89 -34.40 -10.99
N ASN B 294 -43.81 -33.87 -11.79
CA ASN B 294 -43.58 -32.65 -12.55
C ASN B 294 -44.02 -31.40 -11.80
N THR B 295 -44.42 -31.53 -10.54
CA THR B 295 -44.85 -30.38 -9.76
C THR B 295 -43.70 -29.42 -9.54
N TYR B 296 -43.99 -28.12 -9.61
CA TYR B 296 -42.96 -27.10 -9.45
C TYR B 296 -42.43 -27.05 -8.03
N GLU B 297 -43.26 -27.41 -7.04
CA GLU B 297 -42.84 -27.31 -5.65
C GLU B 297 -41.65 -28.22 -5.35
N GLU B 298 -41.68 -29.45 -5.88
CA GLU B 298 -40.61 -30.40 -5.58
C GLU B 298 -39.51 -30.41 -6.64
N ALA B 299 -39.83 -30.07 -7.88
CA ALA B 299 -38.80 -30.05 -8.93
C ALA B 299 -37.83 -28.90 -8.72
N ALA B 300 -38.32 -27.73 -8.31
CA ALA B 300 -37.44 -26.60 -8.06
C ALA B 300 -36.50 -26.89 -6.89
N ALA B 301 -37.00 -27.56 -5.85
CA ALA B 301 -36.16 -27.93 -4.72
C ALA B 301 -35.07 -28.89 -5.15
N TYR B 302 -35.37 -29.80 -6.08
CA TYR B 302 -34.36 -30.73 -6.58
C TYR B 302 -33.23 -29.99 -7.27
N ILE B 303 -33.55 -28.99 -8.10
CA ILE B 303 -32.53 -28.21 -8.76
C ILE B 303 -31.71 -27.43 -7.74
N GLN B 304 -32.39 -26.83 -6.75
CA GLN B 304 -31.68 -26.12 -5.68
C GLN B 304 -30.80 -27.07 -4.88
N CYS B 305 -31.30 -28.28 -4.62
CA CYS B 305 -30.51 -29.25 -3.86
C CYS B 305 -29.25 -29.65 -4.61
N GLN B 306 -29.34 -29.84 -5.93
CA GLN B 306 -28.17 -30.23 -6.71
C GLN B 306 -27.07 -29.17 -6.65
N PHE B 307 -27.44 -27.91 -6.44
CA PHE B 307 -26.49 -26.83 -6.27
C PHE B 307 -26.03 -26.66 -4.83
N GLU B 308 -26.55 -27.46 -3.90
CA GLU B 308 -26.25 -27.32 -2.49
C GLU B 308 -25.21 -28.31 -1.98
N ASP B 309 -25.10 -29.48 -2.60
CA ASP B 309 -24.08 -30.46 -2.23
C ASP B 309 -22.89 -30.44 -3.19
N LEU B 310 -22.63 -29.31 -3.83
CA LEU B 310 -21.47 -29.15 -4.69
C LEU B 310 -20.26 -28.57 -3.97
N ASN B 311 -20.39 -28.28 -2.67
CA ASN B 311 -19.30 -27.74 -1.87
C ASN B 311 -18.94 -28.74 -0.77
N LYS B 312 -17.65 -28.96 -0.58
CA LYS B 312 -17.17 -29.87 0.45
C LYS B 312 -16.96 -29.19 1.79
N ARG B 313 -16.77 -27.87 1.81
CA ARG B 313 -16.54 -27.13 3.05
C ARG B 313 -17.86 -26.56 3.55
N LYS B 314 -18.76 -27.46 3.93
CA LYS B 314 -20.07 -27.06 4.42
C LYS B 314 -20.02 -26.50 5.84
N ASP B 315 -18.95 -26.80 6.58
CA ASP B 315 -18.84 -26.36 7.97
C ASP B 315 -18.34 -24.93 8.10
N THR B 316 -17.85 -24.32 7.02
CA THR B 316 -17.33 -22.96 7.07
C THR B 316 -17.90 -22.03 6.01
N LYS B 317 -18.49 -22.55 4.93
CA LYS B 317 -19.07 -21.75 3.87
C LYS B 317 -20.52 -22.13 3.68
N GLU B 318 -21.39 -21.12 3.57
CA GLU B 318 -22.82 -21.33 3.42
C GLU B 318 -23.31 -20.66 2.14
N ILE B 319 -24.19 -21.35 1.43
CA ILE B 319 -24.75 -20.87 0.17
C ILE B 319 -26.19 -20.44 0.40
N TYR B 320 -26.52 -19.23 -0.03
CA TYR B 320 -27.88 -18.70 0.07
C TYR B 320 -28.58 -18.88 -1.27
N THR B 321 -29.81 -19.39 -1.22
CA THR B 321 -30.58 -19.67 -2.42
C THR B 321 -31.89 -18.90 -2.38
N HIS B 322 -32.28 -18.33 -3.53
CA HIS B 322 -33.52 -17.59 -3.63
C HIS B 322 -34.11 -17.78 -5.03
N PHE B 323 -35.44 -17.76 -5.10
CA PHE B 323 -36.16 -17.87 -6.36
C PHE B 323 -36.77 -16.51 -6.67
N THR B 324 -36.23 -15.83 -7.68
CA THR B 324 -36.64 -14.49 -8.04
C THR B 324 -37.28 -14.49 -9.43
N CYS B 325 -37.76 -13.32 -9.83
CA CYS B 325 -38.41 -13.15 -11.13
C CYS B 325 -38.26 -11.68 -11.54
N ALA B 326 -38.79 -11.36 -12.72
CA ALA B 326 -38.74 -9.98 -13.21
C ALA B 326 -39.53 -9.04 -12.32
N THR B 327 -40.70 -9.49 -11.87
CA THR B 327 -41.56 -8.65 -11.03
C THR B 327 -41.13 -8.62 -9.57
N ASP B 328 -40.18 -9.46 -9.18
CA ASP B 328 -39.73 -9.47 -7.79
C ASP B 328 -39.00 -8.18 -7.44
N THR B 329 -39.24 -7.69 -6.23
CA THR B 329 -38.63 -6.45 -5.76
C THR B 329 -37.89 -6.61 -4.44
N LYS B 330 -37.81 -7.81 -3.88
CA LYS B 330 -37.12 -8.06 -2.63
C LYS B 330 -35.74 -8.66 -2.81
N ASN B 331 -35.23 -8.71 -4.05
CA ASN B 331 -33.92 -9.28 -4.29
C ASN B 331 -32.82 -8.47 -3.63
N VAL B 332 -32.95 -7.14 -3.65
CA VAL B 332 -31.95 -6.29 -3.01
C VAL B 332 -31.96 -6.50 -1.49
N GLN B 333 -33.15 -6.74 -0.92
CA GLN B 333 -33.25 -6.98 0.51
C GLN B 333 -32.50 -8.25 0.92
N PHE B 334 -32.60 -9.30 0.11
CA PHE B 334 -31.92 -10.55 0.44
C PHE B 334 -30.41 -10.37 0.47
N VAL B 335 -29.86 -9.61 -0.47
CA VAL B 335 -28.42 -9.37 -0.48
C VAL B 335 -27.99 -8.62 0.77
N PHE B 336 -28.82 -7.68 1.24
CA PHE B 336 -28.48 -6.93 2.45
C PHE B 336 -28.40 -7.85 3.66
N ASP B 337 -29.35 -8.77 3.79
CA ASP B 337 -29.30 -9.73 4.89
C ASP B 337 -28.12 -10.70 4.74
N ALA B 338 -27.81 -11.09 3.50
CA ALA B 338 -26.71 -12.01 3.27
C ALA B 338 -25.37 -11.39 3.66
N VAL B 339 -25.16 -10.13 3.31
CA VAL B 339 -23.91 -9.46 3.67
C VAL B 339 -23.88 -9.03 5.12
N THR B 340 -25.04 -8.95 5.78
CA THR B 340 -25.07 -8.61 7.20
C THR B 340 -24.36 -9.66 8.04
N ASP B 341 -24.56 -10.94 7.71
CA ASP B 341 -23.88 -12.01 8.44
C ASP B 341 -22.37 -11.94 8.24
N VAL B 342 -21.93 -11.62 7.03
CA VAL B 342 -20.50 -11.52 6.75
C VAL B 342 -19.87 -10.40 7.58
N ILE B 343 -20.59 -9.28 7.72
CA ILE B 343 -20.09 -8.17 8.54
C ILE B 343 -19.96 -8.62 10.00
N ILE B 344 -20.91 -9.43 10.47
CA ILE B 344 -20.87 -9.91 11.84
C ILE B 344 -19.61 -10.74 12.08
N LYS B 345 -19.31 -11.65 11.15
CA LYS B 345 -18.09 -12.46 11.27
C LYS B 345 -16.84 -11.58 11.24
N ASN B 346 -16.83 -10.58 10.36
CA ASN B 346 -15.69 -9.67 10.30
C ASN B 346 -15.60 -8.84 11.57
N ASN B 347 -16.74 -8.44 12.14
CA ASN B 347 -16.72 -7.66 13.38
C ASN B 347 -16.12 -8.47 14.52
N LEU B 348 -16.48 -9.74 14.63
CA LEU B 348 -15.90 -10.59 15.67
C LEU B 348 -14.42 -10.84 15.43
N LYS B 349 -14.01 -10.92 14.16
CA LYS B 349 -12.58 -11.11 13.86
C LYS B 349 -11.77 -9.89 14.29
N ASP B 350 -12.30 -8.69 14.07
CA ASP B 350 -11.58 -7.48 14.45
C ASP B 350 -11.37 -7.40 15.95
N CYS B 351 -12.39 -7.76 16.73
CA CYS B 351 -12.30 -7.71 18.18
C CYS B 351 -11.54 -8.89 18.77
N GLY B 352 -11.13 -9.85 17.96
CA GLY B 352 -10.34 -10.97 18.43
C GLY B 352 -11.13 -12.10 19.05
N LEU B 353 -12.47 -12.01 19.08
CA LEU B 353 -13.27 -13.09 19.65
C LEU B 353 -13.19 -14.34 18.80
N PHE B 354 -13.26 -14.19 17.48
CA PHE B 354 -13.13 -15.32 16.56
C PHE B 354 -11.93 -15.14 15.65
N SER C 7 -0.70 -16.30 54.88
CA SER C 7 0.16 -15.35 54.19
C SER C 7 1.31 -16.06 53.47
N SER C 8 1.56 -17.32 53.87
CA SER C 8 2.62 -18.09 53.23
C SER C 8 2.31 -18.36 51.76
N LEU C 9 1.07 -18.71 51.45
CA LEU C 9 0.68 -18.99 50.06
C LEU C 9 0.44 -17.72 49.26
N ILE C 10 0.28 -16.57 49.92
CA ILE C 10 0.12 -15.32 49.19
C ILE C 10 1.40 -14.99 48.42
N LEU C 11 2.56 -15.21 49.05
CA LEU C 11 3.83 -14.97 48.37
C LEU C 11 3.98 -15.85 47.14
N MET C 12 3.62 -17.14 47.27
CA MET C 12 3.82 -18.08 46.17
C MET C 12 3.00 -17.69 44.95
N ALA C 13 1.75 -17.26 45.17
CA ALA C 13 0.88 -16.93 44.05
C ALA C 13 1.39 -15.71 43.29
N TYR C 14 1.98 -14.74 44.00
CA TYR C 14 2.44 -13.52 43.34
C TYR C 14 3.53 -13.81 42.32
N ILE C 15 4.48 -14.67 42.67
CA ILE C 15 5.57 -14.99 41.74
C ILE C 15 5.04 -15.75 40.53
N ILE C 16 4.06 -16.62 40.74
CA ILE C 16 3.48 -17.37 39.63
C ILE C 16 2.87 -16.43 38.61
N ILE C 17 2.13 -15.42 39.09
CA ILE C 17 1.59 -14.40 38.17
C ILE C 17 2.72 -13.63 37.50
N PHE C 18 3.74 -13.26 38.27
CA PHE C 18 4.84 -12.46 37.72
C PHE C 18 5.62 -13.25 36.67
N LEU C 19 5.90 -14.52 36.94
CA LEU C 19 6.70 -15.31 36.02
C LEU C 19 5.91 -15.75 34.79
N THR C 20 4.58 -15.62 34.81
CA THR C 20 3.76 -15.99 33.66
C THR C 20 3.10 -14.78 33.01
N GLY C 21 2.58 -13.84 33.80
CA GLY C 21 1.93 -12.68 33.22
C GLY C 21 2.88 -11.75 32.50
N LEU C 22 4.07 -11.54 33.07
CA LEU C 22 5.02 -10.62 32.44
C LEU C 22 5.49 -11.09 31.07
N PRO C 23 6.05 -12.30 30.92
CA PRO C 23 6.52 -12.69 29.58
C PRO C 23 5.40 -12.76 28.55
N ALA C 24 4.21 -13.19 28.96
CA ALA C 24 3.09 -13.25 28.03
C ALA C 24 2.61 -11.86 27.62
N ASN C 25 2.78 -10.87 28.50
CA ASN C 25 2.34 -9.52 28.19
C ASN C 25 3.21 -8.88 27.11
N LEU C 26 4.52 -9.15 27.13
CA LEU C 26 5.41 -8.57 26.13
C LEU C 26 5.05 -9.05 24.73
N LEU C 27 4.77 -10.35 24.57
CA LEU C 27 4.30 -10.84 23.28
C LEU C 27 2.95 -10.22 22.93
N ALA C 28 2.05 -10.10 23.91
CA ALA C 28 0.77 -9.45 23.68
C ALA C 28 0.95 -7.98 23.34
N LEU C 29 1.83 -7.29 24.06
CA LEU C 29 2.09 -5.88 23.78
C LEU C 29 2.69 -5.70 22.39
N ARG C 30 3.64 -6.57 22.03
CA ARG C 30 4.26 -6.47 20.70
C ARG C 30 3.23 -6.71 19.60
N ALA C 31 2.36 -7.70 19.79
CA ALA C 31 1.34 -7.98 18.79
C ALA C 31 0.33 -6.84 18.69
N PHE C 32 -0.11 -6.30 19.84
CA PHE C 32 -1.14 -5.27 19.82
C PHE C 32 -0.59 -3.92 19.34
N VAL C 33 0.68 -3.63 19.63
CA VAL C 33 1.28 -2.37 19.17
C VAL C 33 1.31 -2.34 17.64
N GLY C 34 1.66 -3.46 17.02
CA GLY C 34 1.71 -3.51 15.56
C GLY C 34 0.37 -3.26 14.91
N VAL C 35 -0.71 -3.78 15.52
CA VAL C 35 -2.04 -3.61 14.94
C VAL C 35 -2.44 -2.15 14.92
N VAL C 36 -2.16 -1.42 16.01
CA VAL C 36 -2.45 0.01 16.04
C VAL C 36 -1.64 0.75 14.98
N ARG C 37 -0.38 0.35 14.81
CA ARG C 37 0.48 0.91 13.78
C ARG C 37 0.20 0.34 12.40
N GLN C 38 -0.57 -0.74 12.31
CA GLN C 38 -0.99 -1.32 11.04
C GLN C 38 -2.09 -0.46 10.41
N PRO C 39 -2.25 -0.54 9.09
CA PRO C 39 -3.27 0.26 8.43
C PRO C 39 -4.67 -0.03 8.95
N GLN C 40 -5.48 1.02 9.06
CA GLN C 40 -6.88 0.96 9.46
C GLN C 40 -7.05 0.27 10.81
N PRO C 41 -6.61 0.87 11.91
CA PRO C 41 -6.85 0.27 13.23
C PRO C 41 -8.31 0.35 13.61
N ALA C 42 -8.72 -0.59 14.48
CA ALA C 42 -10.09 -0.63 14.97
C ALA C 42 -10.18 -0.05 16.37
N PRO C 43 -11.34 0.50 16.76
CA PRO C 43 -11.48 1.03 18.13
C PRO C 43 -11.22 -0.01 19.21
N VAL C 44 -11.59 -1.27 18.96
CA VAL C 44 -11.34 -2.32 19.94
C VAL C 44 -9.84 -2.58 20.10
N HIS C 45 -9.07 -2.44 19.02
CA HIS C 45 -7.63 -2.69 19.10
C HIS C 45 -6.95 -1.70 20.02
N ILE C 46 -7.39 -0.43 19.99
CA ILE C 46 -6.83 0.56 20.90
C ILE C 46 -7.13 0.19 22.34
N LEU C 47 -8.35 -0.29 22.60
CA LEU C 47 -8.70 -0.72 23.95
C LEU C 47 -7.86 -1.92 24.38
N LEU C 48 -7.59 -2.85 23.46
CA LEU C 48 -6.74 -3.98 23.78
C LEU C 48 -5.32 -3.53 24.11
N LEU C 49 -4.80 -2.57 23.36
CA LEU C 49 -3.47 -2.04 23.65
C LEU C 49 -3.43 -1.35 25.00
N SER C 50 -4.48 -0.58 25.33
CA SER C 50 -4.55 0.08 26.62
C SER C 50 -4.63 -0.93 27.76
N LEU C 51 -5.39 -2.01 27.55
CA LEU C 51 -5.51 -3.03 28.60
C LEU C 51 -4.17 -3.69 28.88
N THR C 52 -3.38 -3.97 27.84
CA THR C 52 -2.06 -4.56 28.06
C THR C 52 -1.15 -3.61 28.80
N LEU C 53 -1.19 -2.32 28.46
CA LEU C 53 -0.37 -1.34 29.17
C LEU C 53 -0.75 -1.25 30.64
N ALA C 54 -2.06 -1.27 30.94
CA ALA C 54 -2.50 -1.28 32.32
C ALA C 54 -2.06 -2.56 33.04
N ASP C 55 -2.16 -3.70 32.35
CA ASP C 55 -1.69 -4.96 32.94
C ASP C 55 -0.18 -4.94 33.14
N LEU C 56 0.57 -4.39 32.16
CA LEU C 56 2.02 -4.30 32.30
C LEU C 56 2.41 -3.41 33.47
N LEU C 57 1.67 -2.30 33.66
CA LEU C 57 1.92 -1.44 34.80
C LEU C 57 1.72 -2.19 36.12
N LEU C 58 0.67 -3.02 36.18
CA LEU C 58 0.45 -3.83 37.36
C LEU C 58 1.58 -4.83 37.56
N LEU C 59 2.05 -5.45 36.47
CA LEU C 59 3.13 -6.43 36.58
C LEU C 59 4.45 -5.78 36.94
N LEU C 60 4.66 -4.52 36.53
CA LEU C 60 5.90 -3.83 36.86
C LEU C 60 6.05 -3.61 38.36
N LEU C 61 4.94 -3.28 39.04
CA LEU C 61 4.95 -3.07 40.48
C LEU C 61 4.72 -4.36 41.26
N LEU C 62 4.58 -5.50 40.58
CA LEU C 62 4.43 -6.76 41.28
C LEU C 62 5.60 -7.10 42.20
N PRO C 63 6.88 -6.91 41.82
CA PRO C 63 7.96 -7.21 42.76
C PRO C 63 7.88 -6.45 44.07
N PHE C 64 7.30 -5.25 44.06
CA PHE C 64 7.07 -4.54 45.32
C PHE C 64 6.11 -5.30 46.21
N LYS C 65 5.06 -5.89 45.63
CA LYS C 65 4.16 -6.75 46.39
C LYS C 65 4.86 -8.05 46.80
N ILE C 66 5.77 -8.55 45.98
CA ILE C 66 6.53 -9.74 46.33
C ILE C 66 7.41 -9.48 47.55
N ILE C 67 7.94 -8.27 47.67
CA ILE C 67 8.73 -7.92 48.84
C ILE C 67 7.88 -8.03 50.10
N GLU C 68 6.66 -7.52 50.07
CA GLU C 68 5.73 -7.69 51.17
C GLU C 68 5.20 -9.13 51.19
N ALA C 69 4.53 -9.48 52.28
CA ALA C 69 3.99 -10.82 52.50
C ALA C 69 5.09 -11.87 52.54
N ALA C 70 6.35 -11.42 52.51
CA ALA C 70 7.49 -12.33 52.62
C ALA C 70 8.58 -11.77 53.53
N SER C 71 8.38 -10.59 54.11
CA SER C 71 9.37 -10.00 55.01
C SER C 71 9.17 -10.53 56.42
N ASN C 72 10.06 -10.10 57.32
CA ASN C 72 9.96 -10.46 58.73
C ASN C 72 9.69 -9.23 59.57
N PHE C 73 8.81 -8.35 59.07
CA PHE C 73 8.30 -7.11 59.67
C PHE C 73 8.64 -5.79 58.97
N ARG C 74 9.77 -5.12 59.20
CA ARG C 74 11.15 -5.12 59.73
C ARG C 74 11.82 -4.63 58.43
N TRP C 75 12.91 -5.27 57.96
CA TRP C 75 13.40 -5.06 56.60
C TRP C 75 13.61 -3.60 56.21
N TYR C 76 13.75 -3.37 54.91
CA TYR C 76 13.86 -2.02 54.36
C TYR C 76 12.63 -1.73 53.50
N LEU C 77 12.01 -0.57 53.73
CA LEU C 77 10.90 -0.11 52.91
C LEU C 77 10.68 1.38 53.13
N PRO C 78 10.67 2.17 52.06
CA PRO C 78 10.44 3.62 52.21
C PRO C 78 8.97 3.94 52.41
N LYS C 79 8.67 5.20 52.71
CA LYS C 79 7.29 5.65 52.91
C LYS C 79 6.67 6.23 51.65
N ILE C 80 7.44 7.00 50.87
CA ILE C 80 6.93 7.52 49.61
C ILE C 80 6.69 6.39 48.62
N VAL C 81 7.54 5.36 48.65
CA VAL C 81 7.38 4.21 47.75
C VAL C 81 6.06 3.51 48.01
N CYS C 82 5.69 3.35 49.29
CA CYS C 82 4.43 2.72 49.64
C CYS C 82 3.25 3.45 49.01
N ALA C 83 3.25 4.78 49.10
CA ALA C 83 2.16 5.57 48.52
C ALA C 83 2.13 5.43 47.00
N LEU C 84 3.29 5.48 46.36
CA LEU C 84 3.33 5.40 44.90
C LEU C 84 3.03 4.00 44.41
N THR C 85 3.55 2.97 45.08
CA THR C 85 3.31 1.60 44.65
C THR C 85 1.82 1.24 44.78
N GLY C 86 1.20 1.60 45.91
CA GLY C 86 -0.21 1.33 46.08
C GLY C 86 -1.07 2.12 45.11
N PHE C 87 -0.67 3.35 44.81
CA PHE C 87 -1.43 4.18 43.87
C PHE C 87 -1.42 3.57 42.47
N GLY C 88 -0.25 3.18 41.98
CA GLY C 88 -0.18 2.60 40.64
C GLY C 88 -0.82 1.23 40.56
N PHE C 89 -0.65 0.40 41.60
CA PHE C 89 -1.15 -0.97 41.56
C PHE C 89 -2.67 -0.99 41.55
N TYR C 90 -3.30 -0.27 42.47
CA TYR C 90 -4.76 -0.36 42.62
C TYR C 90 -5.50 0.43 41.56
N SER C 91 -4.95 1.57 41.11
CA SER C 91 -5.61 2.32 40.05
C SER C 91 -5.59 1.57 38.73
N SER C 92 -4.55 0.76 38.50
CA SER C 92 -4.51 -0.06 37.28
C SER C 92 -5.62 -1.09 37.27
N ILE C 93 -6.01 -1.59 38.45
CA ILE C 93 -7.13 -2.54 38.52
C ILE C 93 -8.41 -1.88 38.04
N TYR C 94 -8.67 -0.66 38.51
CA TYR C 94 -9.87 0.05 38.09
C TYR C 94 -9.79 0.49 36.63
N CYS C 95 -8.59 0.84 36.16
CA CYS C 95 -8.43 1.17 34.75
C CYS C 95 -8.72 -0.03 33.87
N SER C 96 -8.23 -1.21 34.25
CA SER C 96 -8.52 -2.43 33.50
C SER C 96 -9.99 -2.80 33.59
N THR C 97 -10.64 -2.49 34.72
CA THR C 97 -12.07 -2.79 34.85
C THR C 97 -12.89 -2.01 33.83
N TRP C 98 -12.59 -0.72 33.67
CA TRP C 98 -13.33 0.09 32.70
C TRP C 98 -12.95 -0.26 31.27
N LEU C 99 -11.67 -0.60 31.04
CA LEU C 99 -11.25 -0.99 29.70
C LEU C 99 -11.92 -2.28 29.27
N LEU C 100 -12.05 -3.25 30.18
CA LEU C 100 -12.74 -4.49 29.86
C LEU C 100 -14.20 -4.24 29.52
N ALA C 101 -14.85 -3.32 30.24
CA ALA C 101 -16.21 -2.96 29.90
C ALA C 101 -16.29 -2.31 28.51
N GLY C 102 -15.27 -1.54 28.15
CA GLY C 102 -15.25 -0.95 26.82
C GLY C 102 -15.18 -2.00 25.72
N ILE C 103 -14.37 -3.04 25.91
CA ILE C 103 -14.29 -4.12 24.93
C ILE C 103 -15.62 -4.86 24.84
N SER C 104 -16.30 -5.04 25.97
CA SER C 104 -17.62 -5.67 25.96
C SER C 104 -18.63 -4.81 25.23
N ILE C 105 -18.52 -3.49 25.32
CA ILE C 105 -19.43 -2.60 24.58
C ILE C 105 -19.22 -2.76 23.08
N GLU C 106 -17.96 -2.83 22.64
CA GLU C 106 -17.68 -2.97 21.22
C GLU C 106 -18.19 -4.31 20.68
N ARG C 107 -18.04 -5.37 21.47
CA ARG C 107 -18.51 -6.68 21.03
C ARG C 107 -20.03 -6.71 20.87
N TYR C 108 -20.75 -6.09 21.81
CA TYR C 108 -22.20 -6.05 21.71
C TYR C 108 -22.67 -5.27 20.49
N LEU C 109 -22.05 -4.12 20.22
CA LEU C 109 -22.43 -3.31 19.07
C LEU C 109 -22.11 -3.99 17.75
N GLY C 110 -21.23 -4.98 17.76
CA GLY C 110 -20.89 -5.70 16.54
C GLY C 110 -22.01 -6.60 16.06
N VAL C 111 -22.46 -7.52 16.90
CA VAL C 111 -23.52 -8.44 16.50
C VAL C 111 -24.87 -7.74 16.43
N ALA C 112 -25.11 -6.79 17.34
CA ALA C 112 -26.42 -6.13 17.39
C ALA C 112 -26.62 -5.18 16.22
N PHE C 113 -25.61 -4.37 15.91
CA PHE C 113 -25.67 -3.37 14.84
C PHE C 113 -24.45 -3.50 13.95
N PRO C 114 -24.35 -4.58 13.17
CA PRO C 114 -23.18 -4.74 12.30
C PRO C 114 -23.06 -3.64 11.25
N VAL C 115 -24.18 -3.16 10.72
CA VAL C 115 -24.14 -2.14 9.68
C VAL C 115 -23.69 -0.81 10.26
N GLN C 116 -24.25 -0.43 11.41
CA GLN C 116 -23.89 0.84 12.02
C GLN C 116 -22.45 0.82 12.55
N TYR C 117 -22.03 -0.30 13.13
CA TYR C 117 -20.67 -0.41 13.64
C TYR C 117 -19.64 -0.27 12.53
N LYS C 118 -19.87 -0.92 11.40
CA LYS C 118 -18.93 -0.85 10.28
C LYS C 118 -18.86 0.57 9.71
N LEU C 119 -20.02 1.22 9.56
CA LEU C 119 -20.06 2.54 8.94
C LEU C 119 -19.56 3.64 9.86
N SER C 120 -19.66 3.47 11.17
CA SER C 120 -19.36 4.54 12.10
C SER C 120 -18.31 4.15 13.13
N ARG C 121 -17.22 3.53 12.68
CA ARG C 121 -16.11 3.18 13.55
C ARG C 121 -14.88 3.98 13.13
N ARG C 122 -14.28 4.68 14.09
CA ARG C 122 -13.05 5.42 13.87
C ARG C 122 -12.13 5.17 15.05
N PRO C 123 -10.80 5.24 14.84
CA PRO C 123 -9.87 5.08 15.97
C PRO C 123 -10.03 6.15 17.03
N LEU C 124 -10.65 7.28 16.71
CA LEU C 124 -10.82 8.36 17.68
C LEU C 124 -11.68 7.91 18.86
N TYR C 125 -12.76 7.17 18.58
CA TYR C 125 -13.63 6.71 19.65
C TYR C 125 -12.90 5.81 20.63
N GLY C 126 -12.01 4.94 20.12
CA GLY C 126 -11.23 4.11 21.00
C GLY C 126 -10.32 4.91 21.90
N VAL C 127 -9.78 6.02 21.39
CA VAL C 127 -8.93 6.89 22.20
C VAL C 127 -9.75 7.52 23.33
N ILE C 128 -10.95 8.01 23.01
CA ILE C 128 -11.80 8.63 24.03
C ILE C 128 -12.20 7.59 25.07
N ALA C 129 -12.57 6.39 24.64
CA ALA C 129 -12.98 5.35 25.58
C ALA C 129 -11.84 4.98 26.52
N ALA C 130 -10.62 4.88 25.99
CA ALA C 130 -9.46 4.61 26.85
C ALA C 130 -9.20 5.76 27.81
N LEU C 131 -9.29 7.00 27.32
CA LEU C 131 -9.00 8.16 28.17
C LEU C 131 -9.99 8.29 29.31
N VAL C 132 -11.26 7.91 29.08
CA VAL C 132 -12.24 7.91 30.16
C VAL C 132 -11.82 6.94 31.25
N ALA C 133 -11.34 5.75 30.87
CA ALA C 133 -10.81 4.80 31.84
C ALA C 133 -9.58 5.37 32.54
N TRP C 134 -8.69 6.03 31.80
CA TRP C 134 -7.51 6.63 32.40
C TRP C 134 -7.89 7.73 33.39
N VAL C 135 -8.83 8.59 33.01
CA VAL C 135 -9.20 9.72 33.86
C VAL C 135 -9.95 9.23 35.10
N MET C 136 -10.91 8.32 34.92
CA MET C 136 -11.74 7.90 36.05
C MET C 136 -10.93 7.12 37.08
N SER C 137 -10.11 6.17 36.63
CA SER C 137 -9.33 5.35 37.56
C SER C 137 -8.27 6.17 38.27
N PHE C 138 -7.47 6.92 37.50
CA PHE C 138 -6.39 7.69 38.10
C PHE C 138 -6.87 8.96 38.80
N GLY C 139 -7.94 9.57 38.27
CA GLY C 139 -8.43 10.79 38.88
C GLY C 139 -8.92 10.60 40.30
N HIS C 140 -9.67 9.52 40.54
CA HIS C 140 -10.19 9.25 41.88
C HIS C 140 -9.05 8.98 42.86
N CYS C 141 -8.04 8.22 42.44
CA CYS C 141 -6.93 7.91 43.32
C CYS C 141 -6.08 9.14 43.61
N THR C 142 -5.86 9.98 42.59
CA THR C 142 -5.08 11.20 42.80
C THR C 142 -5.79 12.15 43.76
N ILE C 143 -7.11 12.27 43.63
CA ILE C 143 -7.88 13.11 44.56
C ILE C 143 -7.78 12.55 45.98
N VAL C 144 -7.82 11.22 46.10
CA VAL C 144 -7.67 10.60 47.42
C VAL C 144 -6.29 10.87 47.99
N ILE C 145 -5.25 10.75 47.16
CA ILE C 145 -3.88 10.88 47.67
C ILE C 145 -3.56 12.31 48.08
N ILE C 146 -4.12 13.31 47.39
CA ILE C 146 -3.80 14.69 47.74
C ILE C 146 -4.50 15.10 49.02
N VAL C 147 -5.72 14.61 49.25
CA VAL C 147 -6.45 14.93 50.47
C VAL C 147 -5.74 14.34 51.68
N GLN C 148 -5.12 13.16 51.52
CA GLN C 148 -4.43 12.52 52.63
C GLN C 148 -3.35 13.43 53.22
N TYR C 149 -2.48 13.97 52.37
CA TYR C 149 -1.42 14.84 52.86
C TYR C 149 -1.94 16.24 53.19
N LEU C 150 -2.99 16.69 52.50
CA LEU C 150 -3.56 18.00 52.82
C LEU C 150 -4.16 18.02 54.22
N ASN C 151 -4.59 16.87 54.72
CA ASN C 151 -5.10 16.74 56.07
C ASN C 151 -4.03 16.29 57.07
N THR C 152 -2.91 15.76 56.60
CA THR C 152 -1.84 15.36 57.48
C THR C 152 -1.12 16.61 58.03
N THR C 153 -0.35 16.39 59.10
CA THR C 153 0.38 17.50 59.73
C THR C 153 1.34 18.17 58.75
N GLU C 154 1.95 17.40 57.86
CA GLU C 154 2.85 17.94 56.85
C GLU C 154 2.03 18.36 55.63
N GLN C 155 1.90 19.66 55.42
CA GLN C 155 1.07 20.23 54.38
C GLN C 155 1.89 20.56 53.14
N VAL C 156 1.28 21.29 52.20
CA VAL C 156 1.88 21.87 51.01
C VAL C 156 2.64 20.83 50.18
N ARG C 157 2.25 19.57 50.31
CA ARG C 157 2.83 18.50 49.51
C ARG C 157 1.77 17.45 49.23
N ASN C 158 2.04 16.60 48.25
CA ASN C 158 1.10 15.55 47.85
C ASN C 158 1.77 14.18 47.79
N GLY C 159 2.93 14.01 48.42
CA GLY C 159 3.63 12.75 48.39
C GLY C 159 3.11 11.67 49.31
N ASN C 160 2.25 12.04 50.27
CA ASN C 160 1.62 11.13 51.21
C ASN C 160 2.62 10.56 52.22
N GLU C 161 2.18 10.35 53.45
CA GLU C 161 3.03 9.79 54.50
C GLU C 161 2.34 8.66 55.27
N ILE C 162 1.19 8.19 54.80
CA ILE C 162 0.44 7.13 55.44
C ILE C 162 0.25 6.01 54.41
N THR C 163 -0.39 4.92 54.84
CA THR C 163 -0.72 3.77 54.00
C THR C 163 0.54 3.14 53.40
N CYS C 164 1.35 2.60 54.32
CA CYS C 164 2.44 1.70 53.94
C CYS C 164 2.08 0.24 54.18
N TYR C 165 1.23 -0.03 55.18
CA TYR C 165 0.67 -1.36 55.39
C TYR C 165 -0.82 -1.30 55.74
N GLU C 166 -1.47 -0.16 55.49
CA GLU C 166 -2.93 -0.02 55.62
C GLU C 166 -3.41 -0.34 57.04
N ASN C 167 -2.71 0.20 58.03
CA ASN C 167 -3.12 0.03 59.43
C ASN C 167 -3.72 1.35 59.94
N PHE C 168 -5.00 1.54 59.65
CA PHE C 168 -5.75 2.66 60.20
C PHE C 168 -6.23 2.27 61.59
N THR C 169 -5.78 3.00 62.61
CA THR C 169 -5.92 2.49 63.97
C THR C 169 -7.31 2.72 64.56
N ASP C 170 -7.70 3.98 64.77
CA ASP C 170 -9.03 4.24 65.31
C ASP C 170 -9.70 5.51 64.83
N GLU C 171 -9.08 6.29 63.96
CA GLU C 171 -9.69 7.57 63.59
C GLU C 171 -9.86 7.75 62.10
N GLN C 172 -8.87 7.33 61.30
CA GLN C 172 -8.96 7.47 59.85
C GLN C 172 -9.96 6.51 59.24
N LEU C 173 -10.50 5.56 60.00
CA LEU C 173 -11.52 4.66 59.48
C LEU C 173 -12.80 5.41 59.12
N ASP C 174 -13.00 6.60 59.68
CA ASP C 174 -14.21 7.37 59.39
C ASP C 174 -14.19 7.99 58.00
N VAL C 175 -13.04 8.00 57.32
CA VAL C 175 -12.94 8.62 56.01
C VAL C 175 -12.59 7.61 54.91
N VAL C 176 -11.88 6.52 55.24
CA VAL C 176 -11.54 5.54 54.21
C VAL C 176 -12.78 4.76 53.77
N LEU C 177 -13.61 4.36 54.72
CA LEU C 177 -14.79 3.56 54.38
C LEU C 177 -15.77 4.30 53.47
N PRO C 178 -16.14 5.57 53.73
CA PRO C 178 -16.96 6.28 52.74
C PRO C 178 -16.29 6.38 51.37
N VAL C 179 -14.96 6.55 51.34
CA VAL C 179 -14.25 6.59 50.07
C VAL C 179 -14.25 5.22 49.41
N ARG C 180 -14.03 4.17 50.21
CA ARG C 180 -14.02 2.81 49.66
C ARG C 180 -15.39 2.44 49.07
N LEU C 181 -16.47 2.84 49.74
CA LEU C 181 -17.80 2.58 49.21
C LEU C 181 -18.03 3.31 47.90
N GLU C 182 -17.57 4.55 47.81
CA GLU C 182 -17.77 5.33 46.58
C GLU C 182 -17.05 4.69 45.39
N LEU C 183 -15.82 4.19 45.62
CA LEU C 183 -15.07 3.57 44.54
C LEU C 183 -15.77 2.30 44.04
N CYS C 184 -16.29 1.49 44.96
CA CYS C 184 -16.95 0.25 44.57
C CYS C 184 -18.24 0.52 43.80
N LEU C 185 -19.03 1.50 44.26
CA LEU C 185 -20.31 1.75 43.62
C LEU C 185 -20.17 2.45 42.28
N VAL C 186 -19.10 3.24 42.11
CA VAL C 186 -18.94 4.04 40.90
C VAL C 186 -18.01 3.34 39.91
N LEU C 187 -16.79 3.03 40.35
CA LEU C 187 -15.78 2.50 39.45
C LEU C 187 -15.95 1.01 39.15
N PHE C 188 -16.79 0.30 39.88
CA PHE C 188 -17.00 -1.12 39.66
C PHE C 188 -18.42 -1.46 39.23
N PHE C 189 -19.43 -0.98 39.97
CA PHE C 189 -20.81 -1.36 39.68
C PHE C 189 -21.25 -0.87 38.31
N ILE C 190 -20.87 0.37 37.95
CA ILE C 190 -21.22 0.89 36.63
C ILE C 190 -20.60 0.06 35.51
N PRO C 191 -19.29 -0.24 35.51
CA PRO C 191 -18.77 -1.19 34.50
C PRO C 191 -19.37 -2.58 34.62
N MET C 192 -19.65 -3.04 35.84
CA MET C 192 -20.22 -4.37 36.01
C MET C 192 -21.62 -4.47 35.40
N ALA C 193 -22.44 -3.44 35.59
CA ALA C 193 -23.78 -3.44 35.02
C ALA C 193 -23.72 -3.45 33.49
N VAL C 194 -22.79 -2.68 32.91
CA VAL C 194 -22.67 -2.62 31.46
C VAL C 194 -22.12 -3.93 30.92
N THR C 195 -21.08 -4.48 31.57
CA THR C 195 -20.45 -5.70 31.09
C THR C 195 -21.42 -6.89 31.16
N ILE C 196 -22.15 -7.01 32.25
CA ILE C 196 -23.09 -8.12 32.41
C ILE C 196 -24.21 -8.01 31.38
N PHE C 197 -24.77 -6.80 31.20
CA PHE C 197 -25.87 -6.62 30.26
C PHE C 197 -25.41 -6.85 28.83
N CYS C 198 -24.23 -6.33 28.47
CA CYS C 198 -23.75 -6.47 27.10
C CYS C 198 -23.46 -7.92 26.75
N TYR C 199 -22.82 -8.65 27.67
CA TYR C 199 -22.51 -10.06 27.40
C TYR C 199 -23.76 -10.92 27.40
N TRP C 200 -24.72 -10.61 28.29
CA TRP C 200 -25.98 -11.34 28.31
C TRP C 200 -26.74 -11.15 27.00
N ARG C 201 -26.79 -9.92 26.49
CA ARG C 201 -27.47 -9.67 25.22
C ARG C 201 -26.70 -10.29 24.05
N PHE C 202 -25.36 -10.22 24.09
CA PHE C 202 -24.56 -10.77 23.00
C PHE C 202 -24.71 -12.28 22.91
N VAL C 203 -24.71 -12.97 24.05
CA VAL C 203 -24.83 -14.42 24.04
C VAL C 203 -26.19 -14.85 23.50
N TRP C 204 -27.26 -14.18 23.95
CA TRP C 204 -28.60 -14.52 23.48
C TRP C 204 -28.84 -14.12 22.03
N ILE C 205 -27.98 -13.29 21.44
CA ILE C 205 -28.12 -12.91 20.05
C ILE C 205 -27.40 -13.89 19.13
N MET C 206 -26.17 -14.27 19.48
CA MET C 206 -25.41 -15.18 18.62
C MET C 206 -25.98 -16.60 18.66
N LEU C 207 -26.56 -17.00 19.80
CA LEU C 207 -27.17 -18.32 19.88
C LEU C 207 -28.36 -18.42 18.93
N THR C 208 -29.17 -17.36 18.83
CA THR C 208 -30.34 -17.34 17.97
C THR C 208 -30.04 -16.84 16.56
N GLN C 209 -28.78 -16.55 16.25
CA GLN C 209 -28.43 -16.09 14.92
C GLN C 209 -28.57 -17.24 13.92
N PRO C 210 -29.34 -17.08 12.85
CA PRO C 210 -29.59 -18.21 11.94
C PRO C 210 -28.36 -18.67 11.17
N HIS C 211 -27.70 -17.73 10.50
CA HIS C 211 -26.62 -18.09 9.57
C HIS C 211 -25.26 -17.95 10.27
N VAL C 212 -25.05 -18.83 11.26
CA VAL C 212 -23.79 -18.94 11.97
C VAL C 212 -23.45 -20.42 12.12
N GLY C 213 -22.20 -20.77 11.84
CA GLY C 213 -21.79 -22.16 11.93
C GLY C 213 -21.82 -22.67 13.36
N ALA C 214 -22.01 -23.99 13.49
CA ALA C 214 -22.07 -24.59 14.82
C ALA C 214 -20.74 -24.45 15.56
N GLN C 215 -19.63 -24.65 14.85
CA GLN C 215 -18.31 -24.49 15.48
C GLN C 215 -18.06 -23.03 15.87
N ARG C 216 -18.55 -22.08 15.07
CA ARG C 216 -18.35 -20.68 15.40
C ARG C 216 -19.06 -20.29 16.69
N ARG C 217 -20.28 -20.81 16.90
CA ARG C 217 -21.03 -20.50 18.11
C ARG C 217 -20.33 -21.01 19.35
N ARG C 218 -19.80 -22.23 19.29
CA ARG C 218 -19.15 -22.82 20.46
C ARG C 218 -17.91 -22.03 20.86
N ARG C 219 -17.12 -21.59 19.88
CA ARG C 219 -15.93 -20.81 20.17
C ARG C 219 -16.23 -19.36 20.50
N ALA C 220 -17.47 -18.90 20.33
CA ALA C 220 -17.85 -17.52 20.60
C ALA C 220 -18.60 -17.39 21.92
N VAL C 221 -19.63 -18.20 22.15
CA VAL C 221 -20.38 -18.14 23.39
C VAL C 221 -19.50 -18.56 24.57
N GLY C 222 -18.67 -19.59 24.37
CA GLY C 222 -17.79 -20.03 25.43
C GLY C 222 -16.78 -18.97 25.85
N LEU C 223 -16.19 -18.29 24.87
CA LEU C 223 -15.23 -17.23 25.19
C LEU C 223 -15.88 -16.07 25.92
N ALA C 224 -17.10 -15.70 25.53
CA ALA C 224 -17.80 -14.60 26.20
C ALA C 224 -18.08 -14.94 27.66
N VAL C 225 -18.50 -16.18 27.93
CA VAL C 225 -18.77 -16.59 29.30
C VAL C 225 -17.50 -16.57 30.13
N VAL C 226 -16.40 -17.06 29.56
CA VAL C 226 -15.13 -17.08 30.28
C VAL C 226 -14.66 -15.67 30.62
N THR C 227 -14.76 -14.76 29.64
CA THR C 227 -14.38 -13.38 29.89
C THR C 227 -15.27 -12.74 30.95
N LEU C 228 -16.59 -13.01 30.90
CA LEU C 228 -17.49 -12.51 31.92
C LEU C 228 -17.18 -13.12 33.28
N LEU C 229 -16.85 -14.41 33.31
CA LEU C 229 -16.50 -15.06 34.58
C LEU C 229 -15.23 -14.47 35.16
N ASN C 230 -14.24 -14.16 34.31
CA ASN C 230 -13.00 -13.57 34.80
C ASN C 230 -13.25 -12.20 35.42
N PHE C 231 -14.15 -11.41 34.83
CA PHE C 231 -14.46 -10.10 35.38
C PHE C 231 -15.09 -10.21 36.77
N LEU C 232 -15.99 -11.17 36.95
CA LEU C 232 -16.69 -11.33 38.23
C LEU C 232 -15.87 -12.08 39.27
N VAL C 233 -14.80 -12.75 38.87
CA VAL C 233 -13.97 -13.53 39.79
C VAL C 233 -12.70 -12.78 40.18
N CYS C 234 -12.00 -12.22 39.19
CA CYS C 234 -10.77 -11.49 39.48
C CYS C 234 -11.05 -10.18 40.22
N PHE C 235 -12.04 -9.43 39.78
CA PHE C 235 -12.36 -8.13 40.36
C PHE C 235 -13.54 -8.19 41.33
N GLY C 236 -14.00 -9.39 41.69
CA GLY C 236 -15.14 -9.54 42.56
C GLY C 236 -14.83 -9.30 44.02
N PRO C 237 -13.99 -10.16 44.62
CA PRO C 237 -13.72 -10.05 46.06
C PRO C 237 -13.10 -8.72 46.47
N TYR C 238 -12.31 -8.09 45.58
CA TYR C 238 -11.62 -6.86 45.97
C TYR C 238 -12.62 -5.74 46.26
N ASN C 239 -13.64 -5.59 45.43
CA ASN C 239 -14.60 -4.52 45.61
C ASN C 239 -15.79 -4.93 46.47
N VAL C 240 -16.02 -6.23 46.67
CA VAL C 240 -17.05 -6.66 47.61
C VAL C 240 -16.64 -6.30 49.04
N SER C 241 -15.34 -6.41 49.34
CA SER C 241 -14.86 -6.09 50.67
C SER C 241 -15.15 -4.63 51.06
N HIS C 242 -15.25 -3.74 50.07
CA HIS C 242 -15.58 -2.35 50.36
C HIS C 242 -16.98 -2.25 50.99
N LEU C 243 -17.95 -2.99 50.45
CA LEU C 243 -19.29 -2.99 51.03
C LEU C 243 -19.30 -3.69 52.38
N VAL C 244 -18.52 -4.77 52.53
CA VAL C 244 -18.47 -5.50 53.79
C VAL C 244 -17.82 -4.64 54.87
N GLY C 245 -16.80 -3.87 54.51
CA GLY C 245 -16.11 -3.05 55.49
C GLY C 245 -17.01 -2.00 56.12
N PHE C 246 -17.85 -1.36 55.30
CA PHE C 246 -18.74 -0.33 55.82
C PHE C 246 -19.74 -0.91 56.82
N TYR C 247 -20.32 -2.07 56.51
CA TYR C 247 -21.27 -2.69 57.41
C TYR C 247 -20.60 -3.17 58.70
N GLN C 248 -19.40 -3.72 58.59
CA GLN C 248 -18.68 -4.21 59.76
C GLN C 248 -17.96 -3.11 60.52
N ARG C 249 -17.91 -1.89 59.98
CA ARG C 249 -17.23 -0.76 60.61
C ARG C 249 -15.76 -1.03 60.87
N LYS C 250 -15.14 -1.85 60.02
CA LYS C 250 -13.73 -2.17 60.17
C LYS C 250 -13.19 -2.62 58.82
N SER C 251 -11.87 -2.50 58.66
CA SER C 251 -11.23 -2.94 57.44
C SER C 251 -11.17 -4.46 57.41
N PRO C 252 -11.69 -5.10 56.36
CA PRO C 252 -11.64 -6.57 56.29
C PRO C 252 -10.20 -7.08 56.24
N TRP C 253 -9.98 -8.22 56.87
CA TRP C 253 -8.65 -8.82 56.94
C TRP C 253 -8.30 -9.63 55.70
N TRP C 254 -9.27 -9.96 54.85
CA TRP C 254 -9.05 -10.79 53.68
C TRP C 254 -8.83 -9.97 52.41
N ARG C 255 -8.43 -8.71 52.55
CA ARG C 255 -8.19 -7.88 51.37
C ARG C 255 -6.95 -8.33 50.61
N SER C 256 -5.95 -8.87 51.31
CA SER C 256 -4.73 -9.31 50.66
C SER C 256 -5.00 -10.44 49.67
N ILE C 257 -5.86 -11.39 50.05
CA ILE C 257 -6.21 -12.49 49.15
C ILE C 257 -6.95 -11.96 47.93
N ALA C 258 -7.82 -10.97 48.13
CA ALA C 258 -8.60 -10.43 47.03
C ALA C 258 -7.73 -9.73 46.00
N VAL C 259 -6.65 -9.09 46.44
CA VAL C 259 -5.74 -8.43 45.49
C VAL C 259 -5.07 -9.44 44.58
N VAL C 260 -4.76 -10.63 45.12
CA VAL C 260 -4.15 -11.68 44.31
C VAL C 260 -5.08 -12.10 43.19
N PHE C 261 -6.39 -12.17 43.47
CA PHE C 261 -7.35 -12.48 42.43
C PHE C 261 -7.37 -11.42 41.34
N SER C 262 -7.24 -10.14 41.72
CA SER C 262 -7.15 -9.08 40.74
C SER C 262 -5.90 -9.22 39.88
N SER C 263 -4.78 -9.61 40.50
CA SER C 263 -3.55 -9.82 39.75
C SER C 263 -3.66 -10.99 38.78
N LEU C 264 -4.58 -11.93 39.02
CA LEU C 264 -4.78 -13.04 38.10
C LEU C 264 -5.30 -12.55 36.75
N ASN C 265 -6.09 -11.48 36.75
CA ASN C 265 -6.62 -10.95 35.49
C ASN C 265 -5.51 -10.43 34.60
N ALA C 266 -4.47 -9.83 35.19
CA ALA C 266 -3.36 -9.31 34.39
C ALA C 266 -2.65 -10.44 33.65
N SER C 267 -2.44 -11.57 34.30
CA SER C 267 -1.79 -12.71 33.64
C SER C 267 -2.74 -13.44 32.71
N LEU C 268 -4.01 -13.55 33.07
CA LEU C 268 -4.96 -14.33 32.29
C LEU C 268 -5.41 -13.62 31.01
N ASP C 269 -5.38 -12.29 31.01
CA ASP C 269 -5.85 -11.55 29.84
C ASP C 269 -5.06 -11.86 28.57
N PRO C 270 -3.72 -11.91 28.57
CA PRO C 270 -3.03 -12.35 27.34
C PRO C 270 -3.44 -13.74 26.89
N LEU C 271 -3.71 -14.66 27.83
CA LEU C 271 -4.15 -15.99 27.46
C LEU C 271 -5.49 -15.97 26.75
N LEU C 272 -6.41 -15.10 27.20
CA LEU C 272 -7.70 -14.97 26.54
C LEU C 272 -7.55 -14.46 25.11
N PHE C 273 -6.49 -13.70 24.84
CA PHE C 273 -6.20 -13.21 23.50
C PHE C 273 -5.25 -14.10 22.73
N TYR C 274 -4.83 -15.23 23.31
CA TYR C 274 -3.99 -16.20 22.63
C TYR C 274 -4.88 -17.15 21.82
N PHE C 275 -5.45 -16.60 20.75
CA PHE C 275 -6.36 -17.32 19.88
C PHE C 275 -5.56 -17.99 18.75
N SER C 276 -6.22 -18.43 17.67
CA SER C 276 -5.69 -19.39 16.68
C SER C 276 -4.26 -19.08 16.23
N SER C 277 -3.83 -17.83 16.36
CA SER C 277 -2.44 -17.50 16.11
C SER C 277 -1.49 -18.17 17.09
N SER C 278 -1.99 -18.71 18.20
CA SER C 278 -1.14 -19.40 19.16
C SER C 278 -0.50 -20.64 18.55
N VAL C 279 -1.28 -21.40 17.75
CA VAL C 279 -0.72 -22.61 17.15
C VAL C 279 0.39 -22.26 16.16
N VAL C 280 0.36 -21.05 15.61
CA VAL C 280 1.48 -20.58 14.79
C VAL C 280 2.73 -20.44 15.64
N ARG C 281 2.57 -19.92 16.87
CA ARG C 281 3.70 -19.84 17.79
C ARG C 281 4.21 -21.23 18.16
N ARG C 282 3.31 -22.19 18.34
CA ARG C 282 3.72 -23.56 18.60
C ARG C 282 4.51 -24.11 17.41
N ALA C 283 4.06 -23.84 16.19
CA ALA C 283 4.85 -24.21 15.02
C ALA C 283 6.15 -23.44 14.98
N PHE C 284 6.12 -22.15 15.33
CA PHE C 284 7.36 -21.37 15.43
C PHE C 284 8.26 -21.93 16.54
N GLY C 285 7.67 -22.28 17.68
CA GLY C 285 8.47 -22.85 18.75
C GLY C 285 9.05 -24.22 18.39
N ARG C 286 8.27 -25.03 17.69
CA ARG C 286 8.77 -26.33 17.24
C ARG C 286 9.93 -26.16 16.26
N GLY C 287 9.80 -25.20 15.33
CA GLY C 287 10.89 -24.95 14.40
C GLY C 287 12.13 -24.41 15.08
N LEU C 288 11.95 -23.58 16.10
CA LEU C 288 13.09 -23.05 16.85
C LEU C 288 13.85 -24.17 17.56
N GLN C 289 13.12 -25.14 18.11
CA GLN C 289 13.77 -26.27 18.77
C GLN C 289 14.59 -27.09 17.79
N VAL C 290 14.09 -27.25 16.56
CA VAL C 290 14.84 -27.99 15.55
C VAL C 290 16.15 -27.30 15.23
N LEU C 291 16.11 -25.97 15.07
CA LEU C 291 17.31 -25.20 14.78
C LEU C 291 18.27 -25.20 15.96
N ASN D 5 -14.06 -26.53 -41.10
CA ASN D 5 -14.34 -25.96 -42.42
C ASN D 5 -13.14 -25.20 -42.95
N THR D 6 -13.40 -24.05 -43.57
CA THR D 6 -12.31 -23.23 -44.11
C THR D 6 -11.45 -22.61 -43.00
N ALA D 7 -12.02 -22.43 -41.81
CA ALA D 7 -11.26 -21.86 -40.71
C ALA D 7 -10.13 -22.79 -40.29
N SER D 8 -10.39 -24.10 -40.22
CA SER D 8 -9.36 -25.05 -39.87
C SER D 8 -8.26 -25.09 -40.93
N ILE D 9 -8.64 -25.03 -42.21
CA ILE D 9 -7.64 -25.06 -43.28
C ILE D 9 -6.77 -23.82 -43.22
N ALA D 10 -7.36 -22.65 -43.01
CA ALA D 10 -6.58 -21.42 -42.92
C ALA D 10 -5.64 -21.44 -41.73
N GLN D 11 -6.12 -21.95 -40.59
CA GLN D 11 -5.25 -22.04 -39.41
C GLN D 11 -4.13 -23.04 -39.62
N ALA D 12 -4.43 -24.18 -40.26
CA ALA D 12 -3.42 -25.22 -40.46
C ALA D 12 -2.30 -24.73 -41.37
N ARG D 13 -2.64 -24.04 -42.46
CA ARG D 13 -1.61 -23.59 -43.39
C ARG D 13 -0.75 -22.47 -42.79
N LYS D 14 -1.35 -21.65 -41.92
CA LYS D 14 -0.57 -20.59 -41.26
C LYS D 14 0.49 -21.19 -40.34
N LEU D 15 0.14 -22.24 -39.61
CA LEU D 15 1.12 -22.87 -38.72
C LEU D 15 2.24 -23.53 -39.50
N VAL D 16 1.91 -24.15 -40.64
CA VAL D 16 2.93 -24.80 -41.46
C VAL D 16 3.93 -23.77 -41.98
N GLU D 17 3.43 -22.63 -42.46
CA GLU D 17 4.33 -21.57 -42.93
C GLU D 17 5.15 -21.01 -41.78
N GLN D 18 4.53 -20.84 -40.61
CA GLN D 18 5.27 -20.36 -39.44
C GLN D 18 6.36 -21.32 -39.03
N LEU D 19 6.06 -22.63 -39.03
CA LEU D 19 7.05 -23.62 -38.62
C LEU D 19 8.14 -23.80 -39.68
N LYS D 20 7.79 -23.67 -40.96
CA LYS D 20 8.79 -23.88 -42.01
C LYS D 20 9.90 -22.85 -41.94
N MET D 21 9.54 -21.58 -41.72
CA MET D 21 10.56 -20.53 -41.67
C MET D 21 11.39 -20.62 -40.38
N GLU D 22 10.77 -21.03 -39.27
CA GLU D 22 11.51 -21.17 -38.03
C GLU D 22 12.56 -22.27 -38.13
N ALA D 23 12.22 -23.37 -38.80
CA ALA D 23 13.18 -24.47 -38.94
C ALA D 23 14.39 -24.05 -39.76
N ASN D 24 14.18 -23.30 -40.84
CA ASN D 24 15.25 -22.92 -41.75
C ASN D 24 15.91 -21.61 -41.26
N ILE D 25 16.61 -21.73 -40.14
CA ILE D 25 17.37 -20.62 -39.58
C ILE D 25 18.76 -21.13 -39.20
N ASP D 26 19.69 -20.20 -39.08
CA ASP D 26 21.05 -20.52 -38.69
C ASP D 26 21.12 -20.77 -37.18
N ARG D 27 21.86 -21.80 -36.79
CA ARG D 27 22.01 -22.17 -35.40
C ARG D 27 23.48 -22.37 -35.07
N ILE D 28 23.83 -22.10 -33.82
CA ILE D 28 25.20 -22.25 -33.34
C ILE D 28 25.23 -23.33 -32.27
N LYS D 29 26.42 -23.83 -31.99
CA LYS D 29 26.59 -24.90 -31.01
C LYS D 29 26.29 -24.40 -29.60
N VAL D 30 25.85 -25.32 -28.76
CA VAL D 30 25.53 -24.97 -27.38
C VAL D 30 26.79 -24.54 -26.63
N SER D 31 27.90 -25.24 -26.86
CA SER D 31 29.14 -24.91 -26.17
C SER D 31 29.61 -23.50 -26.50
N LYS D 32 29.49 -23.10 -27.77
CA LYS D 32 29.84 -21.73 -28.14
C LYS D 32 28.93 -20.72 -27.46
N ALA D 33 27.62 -21.01 -27.41
CA ALA D 33 26.69 -20.11 -26.73
C ALA D 33 26.94 -20.10 -25.22
N ALA D 34 27.26 -21.26 -24.64
CA ALA D 34 27.53 -21.32 -23.22
C ALA D 34 28.78 -20.55 -22.86
N ALA D 35 29.82 -20.61 -23.71
CA ALA D 35 31.05 -19.88 -23.44
C ALA D 35 30.82 -18.38 -23.46
N ASP D 36 29.97 -17.90 -24.38
CA ASP D 36 29.70 -16.47 -24.46
C ASP D 36 29.02 -15.96 -23.19
N LEU D 37 28.10 -16.74 -22.63
CA LEU D 37 27.44 -16.34 -21.39
C LEU D 37 28.45 -16.26 -20.24
N MET D 38 29.37 -17.22 -20.16
CA MET D 38 30.38 -17.19 -19.11
C MET D 38 31.32 -16.00 -19.28
N ALA D 39 31.68 -15.67 -20.51
CA ALA D 39 32.58 -14.54 -20.74
C ALA D 39 31.94 -13.23 -20.30
N TYR D 40 30.64 -13.04 -20.57
CA TYR D 40 29.98 -11.81 -20.19
C TYR D 40 29.93 -11.66 -18.67
N CYS D 41 29.63 -12.75 -17.95
CA CYS D 41 29.57 -12.69 -16.50
C CYS D 41 30.93 -12.39 -15.89
N GLU D 42 31.99 -13.01 -16.41
CA GLU D 42 33.33 -12.77 -15.88
C GLU D 42 33.79 -11.34 -16.13
N ALA D 43 33.51 -10.80 -17.32
CA ALA D 43 33.96 -9.46 -17.65
C ALA D 43 33.28 -8.40 -16.78
N HIS D 44 31.99 -8.57 -16.51
CA HIS D 44 31.21 -7.60 -15.76
C HIS D 44 31.07 -7.96 -14.28
N ALA D 45 31.80 -8.97 -13.81
CA ALA D 45 31.71 -9.37 -12.42
C ALA D 45 32.20 -8.27 -11.49
N LYS D 46 33.26 -7.55 -11.88
CA LYS D 46 33.83 -6.51 -11.04
C LYS D 46 32.89 -5.33 -10.85
N GLU D 47 31.92 -5.14 -11.74
CA GLU D 47 30.97 -4.04 -11.67
C GLU D 47 29.57 -4.53 -11.32
N ASP D 48 29.48 -5.57 -10.49
CA ASP D 48 28.20 -6.13 -10.07
C ASP D 48 28.05 -5.94 -8.56
N PRO D 49 27.27 -4.95 -8.12
CA PRO D 49 27.08 -4.77 -6.66
C PRO D 49 26.45 -5.96 -5.97
N LEU D 50 25.57 -6.69 -6.65
CA LEU D 50 24.92 -7.84 -6.01
C LEU D 50 25.91 -8.96 -5.76
N LEU D 51 26.71 -9.32 -6.76
CA LEU D 51 27.69 -10.39 -6.58
C LEU D 51 28.85 -9.93 -5.70
N THR D 52 29.36 -8.74 -5.94
CA THR D 52 30.45 -8.19 -5.13
C THR D 52 29.92 -7.03 -4.31
N PRO D 53 29.74 -7.18 -3.00
CA PRO D 53 29.20 -6.08 -2.19
C PRO D 53 30.12 -4.86 -2.20
N VAL D 54 29.51 -3.69 -2.17
CA VAL D 54 30.23 -2.43 -2.17
C VAL D 54 30.33 -1.91 -0.74
N PRO D 55 31.35 -1.13 -0.40
CA PRO D 55 31.44 -0.58 0.96
C PRO D 55 30.33 0.43 1.23
N ALA D 56 30.07 0.65 2.52
CA ALA D 56 28.98 1.53 2.93
C ALA D 56 29.20 2.96 2.45
N SER D 57 30.46 3.36 2.26
CA SER D 57 30.73 4.71 1.77
C SER D 57 30.17 4.92 0.36
N GLU D 58 30.34 3.94 -0.51
CA GLU D 58 29.85 4.01 -1.89
C GLU D 58 28.49 3.38 -2.08
N ASN D 59 27.88 2.85 -1.01
CA ASN D 59 26.58 2.20 -1.12
C ASN D 59 25.47 3.20 -0.88
N PRO D 60 24.64 3.52 -1.87
CA PRO D 60 23.49 4.41 -1.64
C PRO D 60 22.17 3.70 -1.36
N PHE D 61 22.18 2.38 -1.20
CA PHE D 61 20.99 1.59 -0.88
C PHE D 61 19.86 1.84 -1.87
N ASP E 39 -4.01 27.45 -19.37
CA ASP E 39 -3.09 28.58 -19.32
C ASP E 39 -2.90 29.08 -17.89
N VAL E 40 -1.67 29.03 -17.41
CA VAL E 40 -1.35 29.49 -16.07
C VAL E 40 -1.34 31.01 -16.05
N GLN E 41 -2.09 31.60 -15.11
CA GLN E 41 -2.17 33.05 -14.99
C GLN E 41 -2.20 33.42 -13.51
N LEU E 42 -1.48 34.49 -13.17
CA LEU E 42 -1.45 35.03 -11.82
C LEU E 42 -1.71 36.52 -11.89
N VAL E 43 -2.82 36.96 -11.32
CA VAL E 43 -3.23 38.37 -11.35
C VAL E 43 -3.22 38.89 -9.92
N GLU E 44 -2.53 40.02 -9.71
CA GLU E 44 -2.42 40.65 -8.40
C GLU E 44 -3.23 41.94 -8.39
N SER E 45 -4.06 42.10 -7.36
CA SER E 45 -4.88 43.29 -7.20
C SER E 45 -4.87 43.71 -5.74
N GLY E 46 -5.08 45.00 -5.51
CA GLY E 46 -5.10 45.53 -4.17
C GLY E 46 -3.98 46.52 -3.89
N GLY E 47 -3.54 47.24 -4.91
CA GLY E 47 -2.47 48.20 -4.78
C GLY E 47 -2.98 49.62 -4.89
N GLY E 48 -2.24 50.55 -4.29
CA GLY E 48 -2.63 51.95 -4.33
C GLY E 48 -1.84 52.75 -3.31
N LEU E 49 -2.28 53.99 -3.12
CA LEU E 49 -1.65 54.89 -2.16
C LEU E 49 -2.05 54.50 -0.75
N VAL E 50 -1.06 54.22 0.10
CA VAL E 50 -1.29 53.82 1.48
C VAL E 50 -0.53 54.77 2.39
N GLN E 51 -1.22 55.33 3.38
CA GLN E 51 -0.57 56.19 4.35
C GLN E 51 0.30 55.35 5.29
N PRO E 52 1.38 55.93 5.82
CA PRO E 52 2.23 55.18 6.76
C PRO E 52 1.45 54.75 7.99
N GLY E 53 1.78 53.56 8.48
CA GLY E 53 1.09 53.00 9.63
C GLY E 53 -0.26 52.39 9.35
N GLY E 54 -0.68 52.34 8.08
CA GLY E 54 -1.96 51.77 7.72
C GLY E 54 -1.85 50.28 7.45
N SER E 55 -2.95 49.74 6.90
CA SER E 55 -3.04 48.33 6.57
C SER E 55 -3.60 48.17 5.16
N ARG E 56 -3.14 47.11 4.49
CA ARG E 56 -3.61 46.80 3.14
C ARG E 56 -3.48 45.31 2.91
N LYS E 57 -4.36 44.78 2.07
CA LYS E 57 -4.38 43.36 1.74
C LYS E 57 -4.09 43.18 0.25
N LEU E 58 -3.17 42.27 -0.06
CA LEU E 58 -2.80 41.95 -1.42
C LEU E 58 -3.40 40.61 -1.81
N SER E 59 -4.06 40.56 -2.96
CA SER E 59 -4.70 39.34 -3.44
C SER E 59 -4.06 38.91 -4.76
N CYS E 60 -3.65 37.65 -4.83
CA CYS E 60 -3.08 37.07 -6.04
C CYS E 60 -3.94 35.89 -6.46
N SER E 61 -4.62 36.03 -7.59
CA SER E 61 -5.55 35.00 -8.08
C SER E 61 -4.80 34.01 -8.96
N ALA E 62 -5.04 32.73 -8.73
CA ALA E 62 -4.40 31.66 -9.46
C ALA E 62 -5.42 30.93 -10.33
N SER E 63 -5.13 30.82 -11.63
CA SER E 63 -5.99 30.14 -12.57
C SER E 63 -5.16 29.35 -13.56
N GLY E 64 -5.60 28.14 -13.87
CA GLY E 64 -4.94 27.30 -14.85
C GLY E 64 -4.04 26.23 -14.29
N PHE E 65 -3.97 26.07 -12.97
CA PHE E 65 -3.14 25.04 -12.37
C PHE E 65 -3.67 24.70 -10.99
N ALA E 66 -3.20 23.56 -10.46
CA ALA E 66 -3.63 23.09 -9.15
C ALA E 66 -3.02 23.97 -8.07
N PHE E 67 -3.83 24.84 -7.48
CA PHE E 67 -3.35 25.75 -6.45
C PHE E 67 -3.11 25.05 -5.13
N SER E 68 -3.86 23.98 -4.84
CA SER E 68 -3.74 23.31 -3.55
C SER E 68 -2.37 22.68 -3.35
N SER E 69 -1.83 22.05 -4.39
CA SER E 69 -0.57 21.33 -4.30
C SER E 69 0.64 22.20 -4.60
N PHE E 70 0.45 23.50 -4.82
CA PHE E 70 1.51 24.41 -5.20
C PHE E 70 1.86 25.32 -4.03
N GLY E 71 3.13 25.37 -3.66
CA GLY E 71 3.58 26.36 -2.70
C GLY E 71 3.62 27.74 -3.30
N MET E 72 3.53 28.74 -2.43
CA MET E 72 3.47 30.13 -2.85
C MET E 72 4.51 30.97 -2.12
N HIS E 73 5.06 31.95 -2.83
CA HIS E 73 6.05 32.86 -2.28
C HIS E 73 5.67 34.29 -2.65
N TRP E 74 6.11 35.23 -1.82
CA TRP E 74 5.94 36.66 -2.07
C TRP E 74 7.31 37.29 -2.22
N VAL E 75 7.55 37.93 -3.36
CA VAL E 75 8.81 38.61 -3.64
C VAL E 75 8.51 40.05 -4.04
N ARG E 76 9.21 40.99 -3.43
CA ARG E 76 8.99 42.41 -3.68
C ARG E 76 10.24 43.03 -4.30
N GLN E 77 10.01 44.01 -5.17
CA GLN E 77 11.08 44.72 -5.87
C GLN E 77 10.90 46.21 -5.66
N ALA E 78 11.81 46.82 -4.91
CA ALA E 78 11.76 48.25 -4.69
C ALA E 78 12.08 48.99 -6.00
N PRO E 79 11.59 50.21 -6.16
CA PRO E 79 11.86 50.96 -7.40
C PRO E 79 13.35 51.15 -7.63
N GLU E 80 13.80 50.72 -8.81
CA GLU E 80 15.20 50.82 -9.23
C GLU E 80 16.14 50.03 -8.32
N LYS E 81 15.61 49.06 -7.57
CA LYS E 81 16.40 48.21 -6.70
C LYS E 81 16.20 46.74 -7.09
N GLY E 82 16.78 45.84 -6.30
CA GLY E 82 16.73 44.42 -6.57
C GLY E 82 15.52 43.74 -5.96
N LEU E 83 15.55 42.41 -5.98
CA LEU E 83 14.47 41.58 -5.47
C LEU E 83 14.82 41.07 -4.07
N GLU E 84 13.78 40.89 -3.25
CA GLU E 84 13.96 40.38 -1.90
C GLU E 84 12.74 39.56 -1.51
N TRP E 85 12.99 38.45 -0.82
CA TRP E 85 11.93 37.55 -0.40
C TRP E 85 11.14 38.15 0.77
N VAL E 86 9.87 37.77 0.86
CA VAL E 86 8.99 38.31 1.89
C VAL E 86 8.43 37.18 2.75
N ALA E 87 7.67 36.28 2.15
CA ALA E 87 7.02 35.21 2.90
C ALA E 87 6.75 34.03 1.98
N TYR E 88 6.48 32.88 2.59
CA TYR E 88 6.20 31.65 1.87
C TYR E 88 5.18 30.83 2.64
N ILE E 89 4.24 30.23 1.92
CA ILE E 89 3.22 29.37 2.50
C ILE E 89 3.24 28.03 1.76
N SER E 90 3.18 26.95 2.53
CA SER E 90 3.28 25.60 1.96
C SER E 90 1.94 25.17 1.36
N SER E 91 1.93 23.97 0.80
CA SER E 91 0.71 23.45 0.17
C SER E 91 -0.40 23.25 1.20
N GLY E 92 -0.07 22.69 2.35
CA GLY E 92 -1.04 22.44 3.39
C GLY E 92 -1.27 23.56 4.38
N SER E 93 -0.62 24.71 4.16
CA SER E 93 -0.74 25.89 5.02
C SER E 93 -0.29 25.62 6.45
N GLY E 94 0.43 24.52 6.68
CA GLY E 94 0.92 24.19 8.01
C GLY E 94 2.37 24.57 8.20
N THR E 95 3.01 25.01 7.11
CA THR E 95 4.42 25.40 7.12
C THR E 95 4.52 26.80 6.52
N ILE E 96 4.87 27.77 7.36
CA ILE E 96 4.94 29.18 6.96
C ILE E 96 6.24 29.77 7.48
N TYR E 97 6.91 30.55 6.63
CA TYR E 97 8.11 31.30 7.00
C TYR E 97 7.95 32.76 6.63
N TYR E 98 8.68 33.62 7.34
CA TYR E 98 8.62 35.05 7.14
C TYR E 98 10.02 35.63 7.13
N ALA E 99 10.21 36.69 6.36
CA ALA E 99 11.49 37.38 6.36
C ALA E 99 11.66 38.17 7.66
N ASP E 100 12.93 38.44 7.99
CA ASP E 100 13.22 39.13 9.24
C ASP E 100 12.65 40.55 9.24
N THR E 101 12.72 41.24 8.10
CA THR E 101 12.22 42.61 8.03
C THR E 101 10.72 42.67 8.25
N VAL E 102 9.97 41.76 7.63
CA VAL E 102 8.51 41.80 7.66
C VAL E 102 7.93 40.81 8.67
N LYS E 103 8.75 40.25 9.54
CA LYS E 103 8.25 39.31 10.55
C LYS E 103 7.31 40.02 11.53
N GLY E 104 6.20 39.37 11.83
CA GLY E 104 5.21 39.94 12.75
C GLY E 104 4.24 40.92 12.14
N ARG E 105 4.75 41.95 11.45
CA ARG E 105 3.86 42.93 10.83
C ARG E 105 3.04 42.32 9.70
N PHE E 106 3.66 41.43 8.91
CA PHE E 106 3.02 40.86 7.74
C PHE E 106 2.50 39.46 8.06
N THR E 107 1.30 39.16 7.57
CA THR E 107 0.71 37.84 7.69
C THR E 107 0.19 37.39 6.33
N ILE E 108 0.34 36.10 6.05
CA ILE E 108 -0.02 35.52 4.76
C ILE E 108 -1.01 34.38 4.98
N SER E 109 -1.98 34.27 4.07
CA SER E 109 -2.97 33.20 4.13
C SER E 109 -3.43 32.89 2.72
N ARG E 110 -3.99 31.70 2.55
CA ARG E 110 -4.46 31.25 1.25
C ARG E 110 -5.84 30.63 1.38
N ASP E 111 -6.59 30.66 0.28
CA ASP E 111 -7.93 30.08 0.21
C ASP E 111 -7.95 29.09 -0.96
N ASP E 112 -7.79 27.81 -0.64
CA ASP E 112 -7.76 26.79 -1.68
C ASP E 112 -9.05 26.72 -2.50
N PRO E 113 -10.25 26.70 -1.90
CA PRO E 113 -11.47 26.67 -2.73
C PRO E 113 -11.61 27.89 -3.63
N LYS E 114 -11.18 29.06 -3.19
CA LYS E 114 -11.27 30.27 -4.00
C LYS E 114 -10.06 30.49 -4.90
N ASN E 115 -9.00 29.70 -4.73
CA ASN E 115 -7.79 29.81 -5.55
C ASN E 115 -7.22 31.23 -5.50
N THR E 116 -7.20 31.82 -4.31
CA THR E 116 -6.74 33.19 -4.12
C THR E 116 -5.74 33.24 -2.97
N LEU E 117 -4.61 33.91 -3.21
CA LEU E 117 -3.61 34.11 -2.19
C LEU E 117 -3.82 35.47 -1.52
N PHE E 118 -3.66 35.50 -0.20
CA PHE E 118 -3.88 36.71 0.59
C PHE E 118 -2.63 37.07 1.36
N LEU E 119 -2.32 38.36 1.41
CA LEU E 119 -1.17 38.89 2.16
C LEU E 119 -1.63 40.15 2.90
N GLN E 120 -2.05 39.97 4.14
CA GLN E 120 -2.47 41.10 4.96
C GLN E 120 -1.24 41.76 5.58
N MET E 121 -1.14 43.07 5.43
CA MET E 121 0.00 43.85 5.89
C MET E 121 -0.44 44.86 6.93
N THR E 122 0.37 45.02 7.98
CA THR E 122 0.10 45.97 9.05
C THR E 122 1.35 46.77 9.35
N SER E 123 1.14 48.02 9.78
CA SER E 123 2.22 48.94 10.12
C SER E 123 3.18 49.14 8.94
N LEU E 124 2.62 49.67 7.85
CA LEU E 124 3.40 49.89 6.64
C LEU E 124 4.29 51.12 6.80
N ARG E 125 5.57 50.95 6.49
CA ARG E 125 6.55 52.02 6.56
C ARG E 125 6.85 52.52 5.15
N SER E 126 7.82 53.43 5.04
CA SER E 126 8.24 53.94 3.73
C SER E 126 9.18 53.00 2.99
N GLU E 127 9.73 52.00 3.67
CA GLU E 127 10.61 51.03 3.04
C GLU E 127 9.87 49.87 2.39
N ASP E 128 8.55 49.80 2.53
CA ASP E 128 7.75 48.74 1.95
C ASP E 128 7.23 49.07 0.56
N THR E 129 7.60 50.23 0.01
CA THR E 129 7.18 50.63 -1.33
C THR E 129 7.91 49.76 -2.34
N ALA E 130 7.20 48.79 -2.92
CA ALA E 130 7.80 47.86 -3.85
C ALA E 130 6.71 47.19 -4.67
N MET E 131 7.14 46.52 -5.74
CA MET E 131 6.24 45.72 -6.58
C MET E 131 6.25 44.28 -6.07
N TYR E 132 5.11 43.82 -5.57
CA TYR E 132 5.01 42.49 -4.97
C TYR E 132 4.62 41.46 -6.01
N TYR E 133 5.35 40.35 -6.03
CA TYR E 133 5.11 39.25 -6.95
C TYR E 133 4.75 37.99 -6.18
N CYS E 134 3.74 37.26 -6.66
CA CYS E 134 3.38 35.96 -6.10
C CYS E 134 3.98 34.88 -7.00
N VAL E 135 4.83 34.04 -6.42
CA VAL E 135 5.59 33.04 -7.16
C VAL E 135 5.18 31.66 -6.67
N ARG E 136 4.85 30.77 -7.62
CA ARG E 136 4.44 29.41 -7.28
C ARG E 136 5.66 28.50 -7.19
N SER E 137 5.55 27.50 -6.30
CA SER E 137 6.62 26.55 -6.09
C SER E 137 6.02 25.16 -5.89
N ILE E 138 6.78 24.14 -6.27
CA ILE E 138 6.34 22.75 -6.16
C ILE E 138 7.57 21.87 -6.20
N TYR E 139 7.49 20.72 -5.54
CA TYR E 139 8.57 19.73 -5.62
C TYR E 139 8.58 19.14 -7.02
N TYR E 140 9.50 19.63 -7.87
CA TYR E 140 9.58 19.21 -9.26
C TYR E 140 11.03 18.85 -9.58
N TYR E 141 11.21 17.68 -10.20
CA TYR E 141 12.53 17.21 -10.62
C TYR E 141 13.51 17.16 -9.44
N GLY E 142 13.00 16.80 -8.27
CA GLY E 142 13.82 16.75 -7.08
C GLY E 142 14.10 18.08 -6.43
N SER E 143 13.54 19.18 -6.94
CA SER E 143 13.80 20.51 -6.41
C SER E 143 12.46 21.26 -6.34
N SER E 144 12.53 22.53 -5.96
CA SER E 144 11.35 23.40 -5.85
C SER E 144 11.61 24.64 -6.68
N PRO E 145 11.37 24.58 -7.98
CA PRO E 145 11.66 25.73 -8.85
C PRO E 145 10.66 26.85 -8.66
N PHE E 146 11.02 28.00 -9.22
CA PHE E 146 10.20 29.20 -9.18
C PHE E 146 9.83 29.61 -10.60
N ASP E 147 9.38 28.64 -11.41
CA ASP E 147 9.28 28.84 -12.85
C ASP E 147 8.33 29.98 -13.20
N PHE E 148 7.16 30.03 -12.56
CA PHE E 148 6.14 31.00 -12.91
C PHE E 148 6.09 32.13 -11.88
N TRP E 149 6.06 33.37 -12.38
CA TRP E 149 5.98 34.55 -11.54
C TRP E 149 4.75 35.37 -11.93
N GLY E 150 4.16 36.02 -10.93
CA GLY E 150 3.00 36.84 -11.15
C GLY E 150 3.35 38.17 -11.84
N GLN E 151 2.31 38.83 -12.34
CA GLN E 151 2.50 40.10 -13.02
C GLN E 151 2.92 41.19 -12.05
N GLY E 152 2.39 41.17 -10.84
CA GLY E 152 2.74 42.14 -9.82
C GLY E 152 1.79 43.32 -9.79
N THR E 153 1.78 44.00 -8.64
CA THR E 153 0.94 45.16 -8.42
C THR E 153 1.75 46.26 -7.75
N THR E 154 1.39 47.51 -8.06
CA THR E 154 2.07 48.65 -7.49
C THR E 154 1.70 48.81 -6.02
N LEU E 155 2.62 49.38 -5.24
CA LEU E 155 2.37 49.68 -3.84
C LEU E 155 3.31 50.81 -3.43
N THR E 156 2.75 52.00 -3.24
CA THR E 156 3.52 53.17 -2.82
C THR E 156 3.00 53.68 -1.49
N VAL E 157 3.92 53.91 -0.55
CA VAL E 157 3.59 54.46 0.76
C VAL E 157 4.19 55.86 0.82
N SER E 158 3.34 56.88 0.62
CA SER E 158 3.82 58.25 0.62
C SER E 158 4.27 58.66 2.01
N SER E 159 5.38 59.39 2.07
CA SER E 159 5.93 59.86 3.33
C SER E 159 6.32 61.32 3.25
N SER E 174 23.93 35.56 10.08
CA SER E 174 23.73 34.14 9.81
C SER E 174 23.19 33.93 8.40
N ASP E 175 22.55 34.95 7.85
CA ASP E 175 22.01 34.86 6.51
C ASP E 175 23.13 34.78 5.48
N ILE E 176 22.90 33.98 4.44
CA ILE E 176 23.87 33.83 3.35
C ILE E 176 23.74 35.03 2.42
N VAL E 177 24.85 35.72 2.19
CA VAL E 177 24.88 36.89 1.32
C VAL E 177 25.40 36.46 -0.04
N MET E 178 24.66 36.80 -1.10
CA MET E 178 25.00 36.43 -2.47
C MET E 178 25.56 37.67 -3.16
N THR E 179 26.85 37.66 -3.46
CA THR E 179 27.51 38.77 -4.12
C THR E 179 27.60 38.50 -5.61
N GLN E 180 27.16 39.47 -6.42
CA GLN E 180 27.16 39.37 -7.87
C GLN E 180 28.28 40.20 -8.45
N ALA E 181 28.46 40.08 -9.76
CA ALA E 181 29.50 40.79 -10.49
C ALA E 181 29.05 42.23 -10.74
N THR E 182 29.78 42.93 -11.60
CA THR E 182 29.43 44.31 -11.92
C THR E 182 28.04 44.39 -12.54
N SER E 183 27.27 45.38 -12.11
CA SER E 183 25.88 45.55 -12.53
C SER E 183 25.75 46.30 -13.85
N SER E 184 26.82 46.41 -14.64
CA SER E 184 26.76 47.10 -15.92
C SER E 184 27.72 46.39 -16.87
N VAL E 185 27.18 45.47 -17.67
CA VAL E 185 27.98 44.72 -18.64
C VAL E 185 27.46 45.00 -20.04
N PRO E 186 28.19 45.75 -20.87
CA PRO E 186 27.75 45.99 -22.24
C PRO E 186 27.98 44.77 -23.11
N VAL E 187 26.92 44.34 -23.82
CA VAL E 187 26.96 43.13 -24.61
C VAL E 187 26.48 43.43 -26.03
N THR E 188 26.86 42.55 -26.95
CA THR E 188 26.48 42.63 -28.35
C THR E 188 25.97 41.29 -28.82
N PRO E 189 25.04 41.28 -29.78
CA PRO E 189 24.54 40.00 -30.30
C PRO E 189 25.65 39.18 -30.94
N GLY E 190 25.56 37.86 -30.78
CA GLY E 190 26.53 36.95 -31.33
C GLY E 190 27.70 36.62 -30.44
N GLU E 191 27.81 37.24 -29.27
CA GLU E 191 28.91 37.00 -28.35
C GLU E 191 28.46 36.12 -27.19
N SER E 192 29.44 35.62 -26.45
CA SER E 192 29.20 34.80 -25.27
C SER E 192 29.47 35.62 -24.02
N VAL E 193 28.52 35.62 -23.09
CA VAL E 193 28.58 36.42 -21.88
C VAL E 193 28.52 35.49 -20.67
N SER E 194 29.44 35.67 -19.73
CA SER E 194 29.49 34.90 -18.50
C SER E 194 29.23 35.83 -17.32
N ILE E 195 28.28 35.45 -16.48
CA ILE E 195 27.90 36.24 -15.31
C ILE E 195 28.34 35.49 -14.07
N SER E 196 29.16 36.12 -13.24
CA SER E 196 29.71 35.49 -12.05
C SER E 196 28.77 35.67 -10.86
N CYS E 197 28.95 34.82 -9.86
CA CYS E 197 28.18 34.88 -8.63
C CYS E 197 28.98 34.26 -7.50
N ARG E 198 28.76 34.75 -6.29
CA ARG E 198 29.47 34.27 -5.12
C ARG E 198 28.50 34.11 -3.96
N SER E 199 28.84 33.20 -3.05
CA SER E 199 28.02 32.95 -1.86
C SER E 199 28.94 32.85 -0.65
N SER E 200 28.47 33.41 0.48
CA SER E 200 29.24 33.35 1.71
C SER E 200 29.39 31.92 2.21
N LYS E 201 28.33 31.12 2.12
CA LYS E 201 28.33 29.75 2.58
C LYS E 201 28.20 28.82 1.37
N SER E 202 28.89 27.69 1.43
CA SER E 202 28.83 26.71 0.34
C SER E 202 27.42 26.17 0.20
N LEU E 203 26.93 26.12 -1.04
CA LEU E 203 25.59 25.66 -1.35
C LEU E 203 25.53 24.16 -1.64
N LEU E 204 26.66 23.46 -1.54
CA LEU E 204 26.70 22.02 -1.81
C LEU E 204 26.27 21.29 -0.54
N HIS E 205 25.11 20.63 -0.61
CA HIS E 205 24.60 19.89 0.52
C HIS E 205 25.25 18.51 0.61
N SER E 206 24.95 17.80 1.69
CA SER E 206 25.52 16.46 1.89
C SER E 206 25.02 15.44 0.89
N ASN E 207 23.92 15.73 0.20
CA ASN E 207 23.35 14.83 -0.80
C ASN E 207 23.88 15.09 -2.20
N GLY E 208 24.87 15.97 -2.35
CA GLY E 208 25.41 16.27 -3.65
C GLY E 208 24.57 17.22 -4.48
N ASN E 209 23.69 17.98 -3.86
CA ASN E 209 22.79 18.88 -4.56
C ASN E 209 23.15 20.33 -4.22
N THR E 210 23.36 21.14 -5.25
CA THR E 210 23.66 22.55 -5.08
C THR E 210 22.42 23.37 -5.38
N TYR E 211 22.04 24.23 -4.45
CA TYR E 211 20.79 24.98 -4.52
C TYR E 211 21.09 26.38 -5.07
N LEU E 212 21.00 26.53 -6.39
CA LEU E 212 21.17 27.81 -7.05
C LEU E 212 20.07 28.00 -8.08
N TYR E 213 19.59 29.23 -8.21
CA TYR E 213 18.54 29.57 -9.16
C TYR E 213 18.93 30.84 -9.91
N TRP E 214 18.69 30.85 -11.21
CA TRP E 214 18.99 31.98 -12.07
C TRP E 214 17.69 32.52 -12.65
N PHE E 215 17.51 33.83 -12.60
CA PHE E 215 16.29 34.48 -13.06
C PHE E 215 16.63 35.59 -14.05
N LEU E 216 15.78 35.73 -15.07
CA LEU E 216 15.90 36.80 -16.05
C LEU E 216 14.72 37.74 -15.91
N GLN E 217 14.99 39.02 -15.77
CA GLN E 217 13.96 40.05 -15.63
C GLN E 217 14.01 40.96 -16.86
N ARG E 218 13.10 40.73 -17.80
CA ARG E 218 13.01 41.57 -18.97
C ARG E 218 12.49 42.95 -18.58
N PRO E 219 12.87 43.99 -19.32
CA PRO E 219 12.39 45.35 -19.00
C PRO E 219 10.87 45.44 -19.13
N GLY E 220 10.21 45.69 -18.01
CA GLY E 220 8.77 45.78 -17.98
C GLY E 220 8.03 44.47 -17.89
N GLN E 221 8.73 43.37 -17.65
CA GLN E 221 8.12 42.04 -17.57
C GLN E 221 8.52 41.36 -16.27
N SER E 222 7.69 40.41 -15.86
CA SER E 222 7.94 39.65 -14.64
C SER E 222 9.18 38.77 -14.81
N PRO E 223 9.93 38.54 -13.73
CA PRO E 223 11.12 37.68 -13.83
C PRO E 223 10.76 36.26 -14.24
N GLN E 224 11.66 35.64 -15.00
CA GLN E 224 11.46 34.28 -15.50
C GLN E 224 12.65 33.42 -15.10
N LEU E 225 12.36 32.24 -14.54
CA LEU E 225 13.41 31.32 -14.13
C LEU E 225 14.05 30.67 -15.36
N LEU E 226 15.37 30.63 -15.39
CA LEU E 226 16.12 29.99 -16.46
C LEU E 226 16.82 28.71 -16.02
N ILE E 227 17.64 28.78 -14.98
CA ILE E 227 18.42 27.65 -14.50
C ILE E 227 18.14 27.43 -13.03
N TYR E 228 17.79 26.19 -12.67
CA TYR E 228 17.58 25.82 -11.28
C TYR E 228 18.52 24.68 -10.91
N ARG E 229 18.95 24.69 -9.64
CA ARG E 229 19.90 23.71 -9.09
C ARG E 229 21.27 23.79 -9.76
N MET E 230 21.57 24.91 -10.41
CA MET E 230 22.90 25.25 -10.91
C MET E 230 23.28 24.41 -12.13
N SER E 231 22.47 23.41 -12.44
CA SER E 231 22.76 22.53 -13.57
C SER E 231 21.57 22.23 -14.47
N ASN E 232 20.34 22.38 -13.98
CA ASN E 232 19.17 22.04 -14.77
C ASN E 232 18.63 23.26 -15.51
N LEU E 233 17.93 23.01 -16.60
CA LEU E 233 17.33 24.04 -17.43
C LEU E 233 15.82 23.98 -17.31
N ALA E 234 15.20 25.13 -17.04
CA ALA E 234 13.76 25.19 -16.89
C ALA E 234 13.06 24.98 -18.23
N SER E 235 11.79 24.59 -18.16
CA SER E 235 11.01 24.36 -19.35
C SER E 235 10.77 25.67 -20.10
N GLY E 236 10.90 25.62 -21.43
CA GLY E 236 10.75 26.79 -22.26
C GLY E 236 11.99 27.66 -22.37
N VAL E 237 13.06 27.32 -21.68
CA VAL E 237 14.31 28.08 -21.73
C VAL E 237 15.18 27.56 -22.86
N PRO E 238 15.70 28.44 -23.72
CA PRO E 238 16.56 27.96 -24.81
C PRO E 238 17.82 27.30 -24.28
N ASP E 239 18.35 26.37 -25.08
CA ASP E 239 19.52 25.59 -24.69
C ASP E 239 20.80 26.42 -24.64
N ARG E 240 20.78 27.67 -25.10
CA ARG E 240 21.97 28.50 -25.09
C ARG E 240 22.44 28.81 -23.68
N PHE E 241 21.60 28.63 -22.67
CA PHE E 241 21.95 28.92 -21.30
C PHE E 241 22.58 27.70 -20.65
N SER E 242 23.73 27.90 -20.00
CA SER E 242 24.42 26.85 -19.28
C SER E 242 24.86 27.37 -17.92
N GLY E 243 24.86 26.49 -16.94
CA GLY E 243 25.24 26.86 -15.59
C GLY E 243 26.25 25.90 -15.01
N SER E 244 27.19 26.44 -14.23
CA SER E 244 28.22 25.65 -13.60
C SER E 244 28.69 26.35 -12.33
N GLY E 245 29.29 25.58 -11.44
CA GLY E 245 29.80 26.12 -10.19
C GLY E 245 30.32 25.02 -9.31
N SER E 246 31.01 25.43 -8.25
CA SER E 246 31.58 24.48 -7.29
C SER E 246 31.65 25.16 -5.93
N GLY E 247 30.69 24.86 -5.07
CA GLY E 247 30.70 25.33 -3.70
C GLY E 247 30.21 26.75 -3.51
N THR E 248 31.04 27.73 -3.85
CA THR E 248 30.71 29.13 -3.61
C THR E 248 30.78 29.96 -4.88
N ALA E 249 31.64 29.56 -5.81
CA ALA E 249 31.82 30.28 -7.07
C ALA E 249 30.93 29.66 -8.14
N PHE E 250 30.13 30.50 -8.79
CA PHE E 250 29.19 30.06 -9.81
C PHE E 250 29.25 30.99 -11.02
N THR E 251 28.84 30.47 -12.16
CA THR E 251 28.82 31.25 -13.39
C THR E 251 27.69 30.76 -14.28
N LEU E 252 27.22 31.65 -15.15
CA LEU E 252 26.20 31.34 -16.14
C LEU E 252 26.68 31.80 -17.50
N THR E 253 26.71 30.88 -18.47
CA THR E 253 27.25 31.15 -19.79
C THR E 253 26.14 31.07 -20.82
N ILE E 254 26.11 32.04 -21.73
CA ILE E 254 25.17 32.07 -22.85
C ILE E 254 25.96 31.87 -24.12
N SER E 255 25.57 30.87 -24.92
CA SER E 255 26.30 30.56 -26.14
C SER E 255 26.07 31.61 -27.22
N ARG E 256 24.82 31.80 -27.62
CA ARG E 256 24.44 32.76 -28.64
C ARG E 256 23.53 33.81 -28.03
N LEU E 257 23.84 35.08 -28.28
CA LEU E 257 23.06 36.18 -27.74
C LEU E 257 21.99 36.62 -28.72
N GLU E 258 20.86 37.08 -28.19
CA GLU E 258 19.75 37.57 -28.98
C GLU E 258 19.25 38.89 -28.40
N ALA E 259 18.56 39.66 -29.24
CA ALA E 259 18.03 40.95 -28.81
C ALA E 259 16.97 40.80 -27.73
N GLU E 260 16.31 39.64 -27.65
CA GLU E 260 15.31 39.38 -26.64
C GLU E 260 15.90 38.88 -25.32
N ASP E 261 17.22 38.70 -25.26
CA ASP E 261 17.88 38.19 -24.06
C ASP E 261 18.35 39.29 -23.12
N VAL E 262 18.07 40.55 -23.44
CA VAL E 262 18.48 41.64 -22.56
C VAL E 262 17.60 41.65 -21.30
N GLY E 263 18.12 42.30 -20.27
CA GLY E 263 17.41 42.40 -19.01
C GLY E 263 18.39 42.39 -17.85
N VAL E 264 17.86 42.08 -16.68
CA VAL E 264 18.65 42.02 -15.44
C VAL E 264 18.63 40.58 -14.94
N TYR E 265 19.81 40.04 -14.66
CA TYR E 265 19.95 38.67 -14.18
C TYR E 265 20.07 38.66 -12.66
N TYR E 266 19.36 37.73 -12.03
CA TYR E 266 19.34 37.59 -10.58
C TYR E 266 19.71 36.18 -10.18
N CYS E 267 20.41 36.05 -9.06
CA CYS E 267 20.80 34.75 -8.51
C CYS E 267 20.29 34.64 -7.09
N MET E 268 19.65 33.51 -6.79
CA MET E 268 19.10 33.26 -5.47
C MET E 268 19.47 31.85 -5.04
N GLN E 269 19.55 31.67 -3.73
CA GLN E 269 19.87 30.38 -3.13
C GLN E 269 18.68 29.87 -2.33
N HIS E 270 18.33 28.60 -2.55
CA HIS E 270 17.26 27.95 -1.80
C HIS E 270 17.81 27.04 -0.70
N LEU E 271 19.05 27.28 -0.26
CA LEU E 271 19.62 26.43 0.78
C LEU E 271 18.88 26.61 2.10
N GLU E 272 18.70 27.85 2.55
CA GLU E 272 17.98 28.05 3.80
C GLU E 272 17.25 29.39 3.82
N TYR E 273 16.01 29.39 3.30
CA TYR E 273 14.75 30.01 3.77
C TYR E 273 14.28 31.47 3.64
N PRO E 274 14.89 32.52 4.26
CA PRO E 274 16.25 33.04 4.18
C PRO E 274 16.97 32.81 2.84
N LEU E 275 16.17 33.02 1.79
CA LEU E 275 16.64 33.02 0.40
C LEU E 275 17.02 34.45 0.04
N THR E 276 18.31 34.72 -0.10
CA THR E 276 18.80 36.05 -0.42
C THR E 276 19.14 36.14 -1.90
N PHE E 277 18.48 37.06 -2.60
CA PHE E 277 18.74 37.30 -4.00
C PHE E 277 20.03 38.08 -4.19
N GLY E 278 20.62 37.96 -5.37
CA GLY E 278 21.84 38.68 -5.68
C GLY E 278 21.59 40.15 -5.95
N ALA E 279 22.70 40.89 -6.08
CA ALA E 279 22.60 42.32 -6.36
C ALA E 279 21.94 42.58 -7.70
N GLY E 280 22.28 41.80 -8.72
CA GLY E 280 21.69 41.96 -10.03
C GLY E 280 22.67 42.43 -11.08
N THR E 281 22.74 41.72 -12.19
CA THR E 281 23.62 42.07 -13.31
C THR E 281 22.74 42.51 -14.49
N LYS E 282 23.02 43.69 -15.01
CA LYS E 282 22.23 44.29 -16.08
C LYS E 282 22.99 44.17 -17.40
N LEU E 283 22.33 43.64 -18.41
CA LEU E 283 22.90 43.50 -19.75
C LEU E 283 22.27 44.53 -20.68
N GLU E 284 23.11 45.31 -21.34
CA GLU E 284 22.65 46.36 -22.25
C GLU E 284 23.35 46.21 -23.60
N LEU E 285 22.64 46.60 -24.65
CA LEU E 285 23.20 46.55 -25.99
C LEU E 285 24.32 47.58 -26.15
N LYS E 286 25.41 47.16 -26.80
CA LYS E 286 26.53 48.07 -27.03
C LYS E 286 26.13 49.21 -27.94
N ALA E 287 25.38 48.92 -29.00
CA ALA E 287 24.94 49.94 -29.95
C ALA E 287 23.64 50.59 -29.48
C09 9UJ F . -8.00 2.18 48.28
C10 9UJ F . -7.12 4.52 48.12
C11 9UJ F . -7.79 2.34 46.74
C12 9UJ F . -5.59 4.57 47.99
C13 9UJ F . -8.20 3.88 50.33
C14 9UJ F . -7.00 1.01 48.72
C15 9UJ F . -8.02 5.27 51.07
C16 9UJ F . -4.65 4.10 48.91
C17 9UJ F . -5.02 5.14 46.83
C18 9UJ F . -6.84 5.73 51.67
C19 9UJ F . -9.08 6.19 51.20
C20 9UJ F . -7.78 7.89 52.45
C21 9UJ F . -3.27 4.18 48.72
C22 9UJ F . -3.65 5.22 46.62
C23 9UJ F . -6.72 6.99 52.32
C24 9UJ F . -8.97 7.43 51.86
C25 9UJ F . -7.70 9.21 53.13
C26 9UJ F . -2.75 4.74 47.56
C27 9UJ F . -8.06 10.45 52.65
C28 9UJ F . -7.22 9.54 54.47
C29 9UJ F . -8.61 10.95 51.38
C30 9UJ F . -6.69 8.65 55.52
N07 9UJ F . -7.79 3.54 49.00
N08 9UJ F . -7.32 10.87 54.69
O03 9UJ F . -7.53 -0.01 49.20
O04 9UJ F . -8.76 3.01 50.98
O05 9UJ F . -5.77 1.21 48.56
O06 9UJ F . -7.82 11.44 53.58
S02 9UJ F . -7.90 4.13 46.49
CL01 9UJ F . -5.09 3.38 50.39
#